data_9SH9
#
_entry.id   9SH9
#
_cell.length_a   124.954
_cell.length_b   124.954
_cell.length_c   246.821
_cell.angle_alpha   90.000
_cell.angle_beta   90.000
_cell.angle_gamma   120.000
#
_symmetry.space_group_name_H-M   'P 65 2 2'
#
loop_
_entity.id
_entity.type
_entity.pdbx_description
1 polymer 'Asparagine--tRNA ligase'
2 non-polymer 'MAGNESIUM ION'
3 non-polymer "ADENOSINE-5'-TRIPHOSPHATE"
4 water water
#
_entity_poly.entity_id   1
_entity_poly.type   'polypeptide(L)'
_entity_poly.pdbx_seq_one_letter_code
;MRVFIDEIARHVDQEVELRGWLYQRRSKGKIHFLILRDGTGFLQATVVQGEVPEAVFREADHLPQETALRVWGRVREDRR
APGGFELAVRDLQVVSRPQGEYPIGPKEHGIDFLMDHRHLWLRHRRPFAVMRIRDELERAIHEFFGERGFLRFDAPILTP
SAVEGTTELFEVELFDGEKAYLSQSGQLYAEAGALAFAKVYTFGPTFRAERSKTRRHLLEFWMVEPEVAFMTHEENMALQ
EELVSFLVARVLERRSRELEMLGRDPKALEPAAEGHYPRLTYKEAVALVNRIAQEDPEVPPLPYGEDFGAPHEAALSRRF
DRPVFVERYPARIKAFYMEPDPEDPELVLNDDLLAPEGYGEIIGGSQRIHDLELLRRKIQEFGLPEEVYDWYLDLRRFGS
VPHSGFGLGLERTVAWICGLAHVREAIPFPRMYTRMRP
;
_entity_poly.pdbx_strand_id   A,B
#
loop_
_chem_comp.id
_chem_comp.type
_chem_comp.name
_chem_comp.formula
ATP non-polymer ADENOSINE-5'-TRIPHOSPHATE 'C10 H16 N5 O13 P3'
MG non-polymer 'MAGNESIUM ION' 'Mg 2'
#
# COMPACT_ATOMS: atom_id res chain seq x y z
N MET A 1 28.63 4.86 18.73
CA MET A 1 27.75 4.91 17.54
C MET A 1 26.33 5.33 17.96
N ARG A 2 25.61 5.99 17.04
CA ARG A 2 24.21 6.30 17.25
C ARG A 2 23.40 5.02 17.15
N VAL A 3 22.42 4.86 18.06
CA VAL A 3 21.55 3.70 18.08
C VAL A 3 20.12 4.17 18.34
N PHE A 4 19.18 3.23 18.19
CA PHE A 4 17.78 3.46 18.52
C PHE A 4 17.43 2.63 19.76
N ILE A 5 16.43 3.10 20.51
CA ILE A 5 15.96 2.42 21.70
C ILE A 5 15.39 1.06 21.31
N ASP A 6 14.88 0.96 20.08
CA ASP A 6 14.36 -0.29 19.53
C ASP A 6 15.32 -1.44 19.84
N GLU A 7 16.62 -1.20 19.67
CA GLU A 7 17.63 -2.25 19.72
C GLU A 7 18.64 -1.96 20.83
N ILE A 8 18.15 -1.37 21.93
CA ILE A 8 19.01 -0.90 23.01
C ILE A 8 19.66 -2.08 23.74
N ALA A 9 18.96 -3.22 23.76
CA ALA A 9 19.41 -4.40 24.48
C ALA A 9 20.66 -5.01 23.84
N ARG A 10 20.96 -4.63 22.59
CA ARG A 10 22.15 -5.11 21.90
C ARG A 10 23.41 -4.44 22.41
N HIS A 11 23.29 -3.16 22.80
CA HIS A 11 24.45 -2.34 23.12
C HIS A 11 24.61 -2.19 24.63
N VAL A 12 24.68 -3.32 25.35
CA VAL A 12 24.79 -3.31 26.80
C VAL A 12 26.23 -2.95 27.17
N ASP A 13 26.38 -2.09 28.18
CA ASP A 13 27.68 -1.67 28.68
C ASP A 13 28.52 -1.10 27.53
N GLN A 14 27.92 -0.19 26.75
CA GLN A 14 28.58 0.36 25.57
C GLN A 14 28.19 1.84 25.41
N GLU A 15 29.13 2.63 24.87
CA GLU A 15 28.89 4.03 24.57
C GLU A 15 27.95 4.15 23.37
N VAL A 16 26.83 4.87 23.55
CA VAL A 16 25.85 5.05 22.49
C VAL A 16 25.38 6.50 22.49
N GLU A 17 24.91 6.95 21.31
CA GLU A 17 24.23 8.23 21.17
C GLU A 17 22.76 7.95 20.89
N LEU A 18 21.87 8.73 21.53
CA LEU A 18 20.45 8.70 21.23
C LEU A 18 20.03 10.07 20.75
N ARG A 19 19.10 10.10 19.80
CA ARG A 19 18.53 11.34 19.31
C ARG A 19 17.01 11.21 19.42
N GLY A 20 16.37 12.15 20.12
CA GLY A 20 14.95 12.06 20.36
C GLY A 20 14.42 13.24 21.17
N TRP A 21 13.37 12.96 21.97
CA TRP A 21 12.60 13.98 22.65
C TRP A 21 12.39 13.57 24.10
N LEU A 22 12.25 14.57 24.98
CA LEU A 22 11.99 14.33 26.39
C LEU A 22 10.49 14.13 26.60
N TYR A 23 10.12 12.94 27.10
CA TYR A 23 8.72 12.61 27.32
C TYR A 23 8.35 12.93 28.77
N GLN A 24 9.24 12.61 29.72
CA GLN A 24 8.94 12.69 31.13
C GLN A 24 10.20 13.07 31.91
N ARG A 25 10.06 13.94 32.92
CA ARG A 25 11.18 14.36 33.75
C ARG A 25 10.80 14.30 35.22
N ARG A 26 11.76 13.86 36.06
CA ARG A 26 11.58 13.82 37.50
C ARG A 26 12.91 14.15 38.19
N SER A 27 13.04 15.40 38.67
CA SER A 27 14.27 15.89 39.25
C SER A 27 14.22 15.77 40.78
N LYS A 28 14.99 14.82 41.34
CA LYS A 28 14.98 14.54 42.77
C LYS A 28 16.34 14.90 43.38
N GLY A 29 16.53 16.18 43.70
CA GLY A 29 17.69 16.65 44.43
C GLY A 29 18.94 16.72 43.56
N LYS A 30 19.73 15.64 43.56
CA LYS A 30 21.00 15.59 42.85
C LYS A 30 20.99 14.42 41.87
N ILE A 31 19.90 14.30 41.10
CA ILE A 31 19.74 13.26 40.08
C ILE A 31 18.45 13.53 39.31
N HIS A 32 18.52 13.46 37.98
CA HIS A 32 17.36 13.59 37.12
C HIS A 32 17.03 12.25 36.49
N PHE A 33 15.76 11.84 36.60
CA PHE A 33 15.24 10.68 35.90
C PHE A 33 14.47 11.15 34.67
N LEU A 34 15.10 11.01 33.50
CA LEU A 34 14.47 11.35 32.22
C LEU A 34 13.82 10.10 31.65
N ILE A 35 12.69 10.30 30.94
CA ILE A 35 12.19 9.30 30.00
C ILE A 35 12.34 9.90 28.60
N LEU A 36 13.21 9.29 27.79
CA LEU A 36 13.43 9.72 26.43
C LEU A 36 12.55 8.89 25.50
N ARG A 37 12.12 9.51 24.40
CA ARG A 37 11.58 8.79 23.26
C ARG A 37 12.41 9.18 22.04
N ASP A 38 12.70 8.21 21.17
CA ASP A 38 13.44 8.47 19.95
C ASP A 38 12.61 8.05 18.73
N GLY A 39 11.33 7.71 18.96
CA GLY A 39 10.43 7.30 17.89
C GLY A 39 10.38 5.78 17.71
N THR A 40 11.34 5.07 18.31
CA THR A 40 11.36 3.60 18.24
C THR A 40 11.06 3.01 19.61
N GLY A 41 10.89 3.84 20.63
CA GLY A 41 10.60 3.35 21.97
C GLY A 41 10.78 4.42 23.04
N PHE A 42 10.74 3.97 24.30
CA PHE A 42 10.82 4.85 25.45
C PHE A 42 11.86 4.26 26.40
N LEU A 43 12.78 5.10 26.87
CA LEU A 43 13.92 4.63 27.64
C LEU A 43 14.19 5.59 28.80
N GLN A 44 14.59 5.00 29.94
CA GLN A 44 14.99 5.75 31.11
C GLN A 44 16.44 6.23 30.92
N ALA A 45 16.69 7.51 31.22
CA ALA A 45 18.02 8.09 31.16
C ALA A 45 18.27 8.92 32.41
N THR A 46 19.28 8.54 33.21
CA THR A 46 19.57 9.19 34.48
C THR A 46 20.73 10.17 34.31
N VAL A 47 20.53 11.39 34.81
CA VAL A 47 21.55 12.44 34.80
C VAL A 47 21.95 12.73 36.24
N VAL A 48 23.01 12.05 36.71
CA VAL A 48 23.47 12.21 38.09
C VAL A 48 24.48 13.36 38.15
N GLN A 49 24.41 14.16 39.21
CA GLN A 49 25.35 15.26 39.43
C GLN A 49 26.72 14.68 39.77
N GLY A 50 27.75 15.15 39.07
CA GLY A 50 29.11 14.66 39.25
C GLY A 50 29.60 13.87 38.04
N GLU A 51 28.70 13.07 37.46
CA GLU A 51 29.03 12.23 36.31
C GLU A 51 28.87 13.02 35.01
N VAL A 52 28.17 14.16 35.06
CA VAL A 52 28.01 15.05 33.92
C VAL A 52 28.65 16.40 34.26
N PRO A 53 28.93 17.28 33.26
CA PRO A 53 29.29 18.66 33.54
C PRO A 53 28.18 19.42 34.26
N GLU A 54 28.56 20.47 35.00
CA GLU A 54 27.61 21.22 35.79
C GLU A 54 26.64 21.97 34.87
N ALA A 55 27.15 22.44 33.73
CA ALA A 55 26.35 23.17 32.76
C ALA A 55 25.22 22.30 32.21
N VAL A 56 25.52 21.00 32.05
CA VAL A 56 24.54 20.00 31.61
C VAL A 56 23.45 19.85 32.66
N PHE A 57 23.88 19.67 33.92
CA PHE A 57 22.98 19.37 35.03
C PHE A 57 22.03 20.54 35.29
N ARG A 58 22.41 21.75 34.87
CA ARG A 58 21.56 22.92 35.02
C ARG A 58 20.41 22.88 34.01
N GLU A 59 20.72 22.59 32.74
CA GLU A 59 19.71 22.52 31.70
C GLU A 59 18.69 21.44 32.01
N ALA A 60 19.19 20.27 32.45
CA ALA A 60 18.36 19.11 32.72
C ALA A 60 17.39 19.38 33.88
N ASP A 61 17.73 20.36 34.74
CA ASP A 61 16.93 20.68 35.90
C ASP A 61 15.66 21.44 35.50
N HIS A 62 15.70 22.13 34.35
CA HIS A 62 14.55 22.90 33.88
C HIS A 62 14.38 22.64 32.38
N LEU A 63 13.99 21.40 32.05
CA LEU A 63 13.93 20.94 30.68
C LEU A 63 12.52 20.42 30.39
N PRO A 64 11.68 21.16 29.63
CA PRO A 64 10.26 20.82 29.51
C PRO A 64 9.98 19.62 28.62
N GLN A 65 8.69 19.29 28.48
CA GLN A 65 8.23 18.14 27.72
C GLN A 65 8.36 18.44 26.22
N GLU A 66 8.79 17.42 25.46
CA GLU A 66 9.03 17.52 24.02
C GLU A 66 10.18 18.47 23.72
N THR A 67 11.24 18.37 24.54
CA THR A 67 12.50 19.01 24.23
C THR A 67 13.30 18.06 23.35
N ALA A 68 13.56 18.49 22.11
CA ALA A 68 14.44 17.73 21.23
C ALA A 68 15.86 17.80 21.76
N LEU A 69 16.54 16.66 21.85
CA LEU A 69 17.87 16.62 22.43
C LEU A 69 18.66 15.42 21.91
N ARG A 70 19.99 15.54 22.00
CA ARG A 70 20.92 14.44 21.76
C ARG A 70 21.55 14.06 23.10
N VAL A 71 21.72 12.74 23.31
CA VAL A 71 22.18 12.21 24.59
C VAL A 71 23.30 11.20 24.34
N TRP A 72 24.39 11.35 25.10
CA TRP A 72 25.48 10.39 25.13
C TRP A 72 25.53 9.72 26.50
N GLY A 73 25.81 8.41 26.52
CA GLY A 73 25.84 7.66 27.77
C GLY A 73 26.10 6.17 27.55
N ARG A 74 26.27 5.46 28.67
CA ARG A 74 26.48 4.02 28.68
C ARG A 74 25.17 3.35 29.06
N VAL A 75 24.85 2.25 28.36
CA VAL A 75 23.62 1.51 28.60
C VAL A 75 23.85 0.53 29.75
N ARG A 76 23.21 0.79 30.89
CA ARG A 76 23.21 -0.14 32.01
C ARG A 76 22.08 -1.15 31.81
N GLU A 77 22.11 -2.23 32.59
CA GLU A 77 21.11 -3.28 32.52
C GLU A 77 20.34 -3.34 33.83
N ASP A 78 19.55 -2.29 34.08
CA ASP A 78 18.84 -2.12 35.34
C ASP A 78 17.55 -2.95 35.31
N ARG A 79 17.37 -3.81 36.32
CA ARG A 79 16.19 -4.66 36.44
C ARG A 79 14.93 -3.83 36.66
N ARG A 80 15.06 -2.74 37.42
CA ARG A 80 13.91 -1.95 37.84
C ARG A 80 13.81 -0.69 36.98
N ALA A 81 13.94 -0.86 35.66
CA ALA A 81 13.70 0.22 34.71
C ALA A 81 12.70 -0.27 33.67
N PRO A 82 11.99 0.63 32.95
CA PRO A 82 11.08 0.23 31.90
C PRO A 82 11.80 -0.49 30.76
N GLY A 83 11.48 -1.77 30.56
CA GLY A 83 12.05 -2.56 29.49
C GLY A 83 13.29 -3.33 29.92
N GLY A 84 13.82 -3.01 31.12
CA GLY A 84 14.94 -3.72 31.70
C GLY A 84 16.29 -3.07 31.37
N PHE A 85 16.27 -1.83 30.87
CA PHE A 85 17.47 -1.14 30.47
C PHE A 85 17.30 0.37 30.68
N GLU A 86 18.43 1.07 30.85
CA GLU A 86 18.45 2.52 31.00
C GLU A 86 19.71 3.08 30.34
N LEU A 87 19.84 4.41 30.36
CA LEU A 87 21.03 5.08 29.88
C LEU A 87 21.60 5.95 31.00
N ALA A 88 22.87 5.71 31.35
CA ALA A 88 23.60 6.58 32.26
C ALA A 88 24.20 7.74 31.47
N VAL A 89 23.64 8.94 31.65
CA VAL A 89 23.97 10.07 30.80
C VAL A 89 25.34 10.61 31.18
N ARG A 90 26.17 10.89 30.16
CA ARG A 90 27.50 11.47 30.35
C ARG A 90 27.56 12.86 29.75
N ASP A 91 26.84 13.09 28.65
CA ASP A 91 26.75 14.42 28.05
C ASP A 91 25.37 14.57 27.40
N LEU A 92 24.92 15.81 27.24
CA LEU A 92 23.60 16.13 26.75
C LEU A 92 23.67 17.41 25.93
N GLN A 93 22.95 17.42 24.80
CA GLN A 93 22.88 18.58 23.93
C GLN A 93 21.41 18.84 23.57
N VAL A 94 20.93 20.05 23.90
CA VAL A 94 19.59 20.46 23.57
C VAL A 94 19.56 20.88 22.11
N VAL A 95 18.59 20.35 21.35
CA VAL A 95 18.44 20.66 19.94
C VAL A 95 17.33 21.69 19.77
N SER A 96 16.27 21.59 20.59
CA SER A 96 15.11 22.44 20.46
C SER A 96 14.28 22.42 21.74
N ARG A 97 13.73 23.58 22.09
CA ARG A 97 12.84 23.75 23.23
C ARG A 97 11.46 24.18 22.73
N PRO A 98 10.35 23.69 23.34
CA PRO A 98 9.01 24.07 22.91
C PRO A 98 8.74 25.58 22.98
N GLN A 99 8.16 26.13 21.90
CA GLN A 99 7.64 27.49 21.90
C GLN A 99 6.21 27.45 22.43
N GLY A 100 6.07 27.69 23.74
CA GLY A 100 4.77 27.68 24.41
C GLY A 100 4.59 26.42 25.26
N GLU A 101 3.41 26.31 25.89
CA GLU A 101 3.04 25.13 26.64
C GLU A 101 2.73 24.00 25.66
N TYR A 102 3.32 22.81 25.88
CA TYR A 102 3.01 21.66 25.06
C TYR A 102 1.55 21.26 25.32
N PRO A 103 0.68 21.26 24.27
CA PRO A 103 -0.76 21.07 24.47
C PRO A 103 -1.17 19.79 25.20
N ILE A 104 -0.45 18.69 24.92
CA ILE A 104 -0.77 17.40 25.52
C ILE A 104 0.07 17.24 26.78
N GLY A 105 -0.31 17.96 27.83
CA GLY A 105 0.38 17.91 29.11
C GLY A 105 -0.07 16.72 29.96
N PRO A 106 0.37 16.63 31.23
CA PRO A 106 -0.05 15.56 32.12
C PRO A 106 -1.44 15.78 32.73
N LYS A 107 -2.45 15.83 31.86
CA LYS A 107 -3.84 16.02 32.26
C LYS A 107 -4.70 15.03 31.49
N GLU A 108 -5.90 14.76 32.01
CA GLU A 108 -6.89 14.02 31.24
C GLU A 108 -7.37 14.92 30.11
N HIS A 109 -7.23 14.43 28.87
CA HIS A 109 -7.68 15.16 27.69
C HIS A 109 -8.88 14.41 27.11
N GLY A 110 -9.85 15.17 26.58
CA GLY A 110 -10.96 14.58 25.84
C GLY A 110 -10.49 14.11 24.48
N ILE A 111 -11.23 13.17 23.89
CA ILE A 111 -10.86 12.59 22.61
C ILE A 111 -10.84 13.68 21.54
N ASP A 112 -11.74 14.66 21.62
CA ASP A 112 -11.83 15.73 20.64
C ASP A 112 -10.53 16.54 20.65
N PHE A 113 -10.06 16.91 21.85
CA PHE A 113 -8.83 17.67 21.98
C PHE A 113 -7.66 16.87 21.41
N LEU A 114 -7.63 15.57 21.72
CA LEU A 114 -6.53 14.70 21.32
C LEU A 114 -6.52 14.56 19.80
N MET A 115 -7.70 14.41 19.20
CA MET A 115 -7.82 14.23 17.76
C MET A 115 -7.52 15.54 17.04
N ASP A 116 -7.83 16.68 17.67
CA ASP A 116 -7.45 17.97 17.15
C ASP A 116 -5.92 18.09 17.10
N HIS A 117 -5.24 17.46 18.07
CA HIS A 117 -3.79 17.53 18.16
C HIS A 117 -3.16 16.19 17.79
N ARG A 118 -3.78 15.49 16.83
CA ARG A 118 -3.38 14.14 16.46
C ARG A 118 -1.93 14.12 16.00
N HIS A 119 -1.50 15.18 15.29
CA HIS A 119 -0.15 15.27 14.74
C HIS A 119 0.90 15.26 15.85
N LEU A 120 0.50 15.64 17.06
CA LEU A 120 1.37 15.56 18.23
C LEU A 120 1.07 14.28 19.02
N TRP A 121 -0.21 13.93 19.13
CA TRP A 121 -0.66 12.83 19.96
C TRP A 121 -0.07 11.51 19.49
N LEU A 122 0.25 11.40 18.19
CA LEU A 122 0.86 10.21 17.64
C LEU A 122 2.19 9.90 18.33
N ARG A 123 2.83 10.92 18.91
CA ARG A 123 4.11 10.77 19.57
C ARG A 123 3.97 9.97 20.87
N HIS A 124 2.76 9.94 21.42
CA HIS A 124 2.51 9.36 22.74
C HIS A 124 2.34 7.84 22.65
N ARG A 125 2.42 7.19 23.83
CA ARG A 125 2.69 5.77 23.96
C ARG A 125 1.59 4.91 23.33
N ARG A 126 0.32 5.28 23.53
CA ARG A 126 -0.78 4.42 23.09
C ARG A 126 -0.90 4.48 21.58
N PRO A 127 -1.05 5.67 20.94
CA PRO A 127 -0.99 5.77 19.49
C PRO A 127 0.25 5.12 18.89
N PHE A 128 1.39 5.31 19.58
CA PHE A 128 2.66 4.73 19.16
C PHE A 128 2.52 3.23 18.96
N ALA A 129 1.91 2.56 19.94
CA ALA A 129 1.72 1.12 19.92
C ALA A 129 0.79 0.71 18.78
N VAL A 130 -0.26 1.52 18.55
CA VAL A 130 -1.28 1.21 17.57
C VAL A 130 -0.67 1.24 16.17
N MET A 131 0.12 2.28 15.90
CA MET A 131 0.68 2.52 14.58
C MET A 131 1.76 1.49 14.27
N ARG A 132 2.38 0.94 15.31
CA ARG A 132 3.39 -0.10 15.14
C ARG A 132 2.71 -1.44 14.86
N ILE A 133 1.59 -1.70 15.53
CA ILE A 133 0.79 -2.89 15.25
C ILE A 133 0.17 -2.76 13.86
N ARG A 134 -0.14 -1.53 13.44
CA ARG A 134 -0.65 -1.27 12.11
C ARG A 134 0.43 -1.59 11.06
N ASP A 135 1.66 -1.14 11.33
CA ASP A 135 2.79 -1.38 10.44
C ASP A 135 3.04 -2.88 10.32
N GLU A 136 3.02 -3.58 11.45
CA GLU A 136 3.28 -5.01 11.50
C GLU A 136 2.30 -5.75 10.56
N LEU A 137 1.04 -5.33 10.57
CA LEU A 137 0.01 -5.99 9.78
C LEU A 137 0.20 -5.70 8.30
N GLU A 138 0.64 -4.47 7.98
CA GLU A 138 0.82 -4.05 6.59
C GLU A 138 1.98 -4.81 5.95
N ARG A 139 3.06 -5.00 6.71
CA ARG A 139 4.19 -5.82 6.27
C ARG A 139 3.75 -7.28 6.19
N ALA A 140 3.06 -7.76 7.24
CA ALA A 140 2.67 -9.16 7.36
C ALA A 140 1.78 -9.58 6.19
N ILE A 141 0.84 -8.69 5.82
CA ILE A 141 -0.07 -8.96 4.71
C ILE A 141 0.73 -9.20 3.44
N HIS A 142 1.76 -8.38 3.21
CA HIS A 142 2.59 -8.48 2.02
C HIS A 142 3.36 -9.80 2.01
N GLU A 143 4.01 -10.12 3.14
CA GLU A 143 4.73 -11.38 3.28
C GLU A 143 3.78 -12.55 3.07
N PHE A 144 2.59 -12.48 3.68
CA PHE A 144 1.63 -13.57 3.63
C PHE A 144 1.33 -13.94 2.19
N PHE A 145 0.92 -12.95 1.40
CA PHE A 145 0.45 -13.17 0.04
C PHE A 145 1.64 -13.40 -0.90
N GLY A 146 2.78 -12.76 -0.58
CA GLY A 146 4.00 -12.90 -1.37
C GLY A 146 4.47 -14.34 -1.44
N GLU A 147 4.50 -15.03 -0.29
CA GLU A 147 4.98 -16.40 -0.20
C GLU A 147 3.96 -17.37 -0.80
N ARG A 148 2.67 -17.00 -0.79
CA ARG A 148 1.64 -17.81 -1.43
C ARG A 148 1.66 -17.61 -2.95
N GLY A 149 2.45 -16.65 -3.43
CA GLY A 149 2.58 -16.41 -4.86
C GLY A 149 1.48 -15.52 -5.42
N PHE A 150 0.78 -14.80 -4.53
CA PHE A 150 -0.21 -13.82 -4.94
C PHE A 150 0.49 -12.56 -5.44
N LEU A 151 -0.18 -11.84 -6.34
CA LEU A 151 0.38 -10.63 -6.92
C LEU A 151 -0.44 -9.43 -6.46
N ARG A 152 0.23 -8.45 -5.85
CA ARG A 152 -0.42 -7.21 -5.47
C ARG A 152 -0.91 -6.52 -6.74
N PHE A 153 -2.20 -6.15 -6.75
CA PHE A 153 -2.84 -5.60 -7.92
C PHE A 153 -3.62 -4.36 -7.52
N ASP A 154 -2.97 -3.19 -7.57
CA ASP A 154 -3.57 -1.95 -7.16
C ASP A 154 -4.73 -1.60 -8.10
N ALA A 155 -5.94 -1.64 -7.55
CA ALA A 155 -7.14 -1.25 -8.29
C ALA A 155 -7.18 0.27 -8.38
N PRO A 156 -7.99 0.86 -9.30
CA PRO A 156 -8.10 2.30 -9.39
C PRO A 156 -8.97 2.91 -8.29
N ILE A 157 -8.67 4.17 -7.94
CA ILE A 157 -9.41 4.91 -6.93
C ILE A 157 -10.48 5.75 -7.64
N LEU A 158 -10.06 6.51 -8.66
CA LEU A 158 -10.98 7.27 -9.49
C LEU A 158 -11.73 6.30 -10.41
N THR A 159 -13.06 6.29 -10.29
CA THR A 159 -13.91 5.36 -11.01
C THR A 159 -14.89 6.13 -11.90
N PRO A 160 -15.15 5.63 -13.13
CA PRO A 160 -15.86 6.42 -14.16
C PRO A 160 -17.30 6.80 -13.83
N SER A 161 -18.10 5.83 -13.34
CA SER A 161 -19.52 6.09 -13.11
C SER A 161 -20.05 5.24 -11.95
N ALA A 162 -21.34 5.39 -11.64
CA ALA A 162 -22.00 4.60 -10.61
C ALA A 162 -22.14 3.15 -11.08
N GLU A 168 -23.81 5.23 -1.36
CA GLU A 168 -23.51 6.65 -1.73
C GLU A 168 -22.00 6.83 -1.90
N LEU A 169 -21.61 7.43 -3.03
CA LEU A 169 -20.21 7.63 -3.38
C LEU A 169 -19.88 9.11 -3.30
N PHE A 170 -18.61 9.42 -3.00
CA PHE A 170 -18.09 10.77 -3.13
C PHE A 170 -17.77 11.02 -4.60
N GLU A 171 -18.26 12.14 -5.15
CA GLU A 171 -18.00 12.47 -6.54
C GLU A 171 -16.87 13.50 -6.60
N VAL A 172 -16.05 13.37 -7.64
CA VAL A 172 -14.87 14.19 -7.84
C VAL A 172 -15.10 15.03 -9.10
N GLU A 173 -14.91 16.35 -8.99
CA GLU A 173 -14.99 17.20 -10.17
C GLU A 173 -13.66 17.12 -10.90
N LEU A 174 -13.71 16.64 -12.15
CA LEU A 174 -12.51 16.51 -12.98
C LEU A 174 -12.35 17.76 -13.82
N PHE A 175 -12.48 17.63 -15.15
CA PHE A 175 -12.18 18.70 -16.08
C PHE A 175 -13.43 18.99 -16.92
N ASP A 176 -13.73 20.28 -17.09
CA ASP A 176 -14.74 20.74 -18.04
C ASP A 176 -16.09 20.11 -17.73
N GLY A 177 -16.42 20.00 -16.43
CA GLY A 177 -17.73 19.56 -16.01
C GLY A 177 -17.80 18.06 -15.71
N GLU A 178 -16.96 17.26 -16.39
CA GLU A 178 -16.96 15.80 -16.24
C GLU A 178 -16.65 15.41 -14.80
N LYS A 179 -17.14 14.23 -14.40
CA LYS A 179 -17.08 13.81 -13.00
C LYS A 179 -16.71 12.33 -12.90
N ALA A 180 -16.01 12.01 -11.80
CA ALA A 180 -15.68 10.65 -11.42
C ALA A 180 -16.06 10.43 -9.95
N TYR A 181 -15.79 9.22 -9.44
CA TYR A 181 -16.19 8.86 -8.09
C TYR A 181 -15.05 8.15 -7.38
N LEU A 182 -15.01 8.28 -6.05
CA LEU A 182 -14.02 7.59 -5.24
C LEU A 182 -14.46 6.14 -5.03
N SER A 183 -13.54 5.21 -5.31
CA SER A 183 -13.78 3.77 -5.19
C SER A 183 -14.25 3.43 -3.79
N GLN A 184 -15.31 2.62 -3.71
CA GLN A 184 -15.78 2.05 -2.45
C GLN A 184 -15.25 0.64 -2.27
N SER A 185 -14.80 0.03 -3.38
CA SER A 185 -14.22 -1.31 -3.38
C SER A 185 -13.56 -1.55 -4.73
N GLY A 186 -12.46 -2.30 -4.73
CA GLY A 186 -11.72 -2.56 -5.96
C GLY A 186 -11.96 -3.97 -6.50
N GLN A 187 -13.01 -4.66 -6.00
CA GLN A 187 -13.12 -6.09 -6.20
C GLN A 187 -13.42 -6.40 -7.66
N LEU A 188 -14.16 -5.51 -8.33
CA LEU A 188 -14.53 -5.73 -9.72
C LEU A 188 -13.27 -5.75 -10.58
N TYR A 189 -12.34 -4.83 -10.29
CA TYR A 189 -11.07 -4.78 -11.01
C TYR A 189 -10.18 -5.95 -10.59
N ALA A 190 -10.23 -6.31 -9.31
CA ALA A 190 -9.46 -7.43 -8.80
C ALA A 190 -9.83 -8.71 -9.53
N GLU A 191 -11.11 -8.86 -9.89
CA GLU A 191 -11.59 -10.02 -10.61
C GLU A 191 -10.93 -10.11 -11.99
N ALA A 192 -10.74 -8.95 -12.63
CA ALA A 192 -10.00 -8.90 -13.88
C ALA A 192 -8.57 -9.38 -13.63
N GLY A 193 -7.97 -8.89 -12.54
CA GLY A 193 -6.61 -9.27 -12.16
C GLY A 193 -6.52 -10.75 -11.82
N ALA A 194 -7.62 -11.31 -11.29
CA ALA A 194 -7.66 -12.70 -10.88
C ALA A 194 -7.57 -13.61 -12.10
N LEU A 195 -8.30 -13.26 -13.17
CA LEU A 195 -8.28 -14.02 -14.41
C LEU A 195 -6.98 -13.75 -15.18
N ALA A 196 -6.27 -12.68 -14.81
CA ALA A 196 -5.00 -12.32 -15.44
C ALA A 196 -3.82 -12.95 -14.70
N PHE A 197 -3.89 -13.04 -13.36
CA PHE A 197 -2.75 -13.47 -12.58
C PHE A 197 -3.10 -14.53 -11.54
N ALA A 198 -4.24 -15.22 -11.72
CA ALA A 198 -4.58 -16.40 -10.93
C ALA A 198 -4.98 -16.03 -9.50
N LYS A 199 -4.08 -15.35 -8.78
CA LYS A 199 -4.29 -15.00 -7.39
C LYS A 199 -3.71 -13.61 -7.13
N VAL A 200 -4.59 -12.65 -6.83
CA VAL A 200 -4.20 -11.26 -6.67
C VAL A 200 -4.80 -10.72 -5.36
N TYR A 201 -4.39 -9.50 -5.00
CA TYR A 201 -5.01 -8.77 -3.91
C TYR A 201 -4.69 -7.29 -4.06
N THR A 202 -5.71 -6.44 -3.85
CA THR A 202 -5.51 -5.01 -3.79
C THR A 202 -5.18 -4.65 -2.34
N PHE A 203 -4.60 -3.46 -2.16
CA PHE A 203 -4.22 -2.99 -0.84
C PHE A 203 -4.09 -1.46 -0.92
N GLY A 204 -5.23 -0.79 -1.04
CA GLY A 204 -5.28 0.65 -1.19
C GLY A 204 -6.46 1.25 -0.43
N PRO A 205 -6.65 2.58 -0.48
CA PRO A 205 -7.77 3.21 0.22
C PRO A 205 -9.09 3.01 -0.50
N THR A 206 -10.18 3.10 0.27
CA THR A 206 -11.53 3.08 -0.27
C THR A 206 -12.36 4.11 0.49
N PHE A 207 -13.46 4.56 -0.14
CA PHE A 207 -14.19 5.73 0.32
C PHE A 207 -15.69 5.46 0.25
N ARG A 208 -16.35 5.58 1.40
CA ARG A 208 -17.78 5.43 1.53
C ARG A 208 -18.36 6.68 2.16
N ALA A 209 -19.38 7.27 1.53
CA ALA A 209 -20.06 8.42 2.08
C ALA A 209 -21.14 7.96 3.07
N GLU A 210 -20.68 7.44 4.22
CA GLU A 210 -21.58 6.93 5.24
C GLU A 210 -21.89 8.05 6.24
N ARG A 211 -23.19 8.28 6.47
CA ARG A 211 -23.64 9.36 7.33
C ARG A 211 -23.55 8.96 8.81
N SER A 212 -23.26 7.68 9.07
CA SER A 212 -23.09 7.17 10.43
C SER A 212 -21.94 7.90 11.13
N LYS A 213 -21.98 7.90 12.47
CA LYS A 213 -20.87 8.36 13.29
C LYS A 213 -20.54 7.27 14.31
N THR A 214 -20.61 6.01 13.87
CA THR A 214 -20.46 4.86 14.74
C THR A 214 -18.97 4.57 14.93
N ARG A 215 -18.68 3.58 15.79
CA ARG A 215 -17.32 3.28 16.21
C ARG A 215 -16.59 2.44 15.16
N ARG A 216 -17.23 2.15 14.02
CA ARG A 216 -16.62 1.26 13.05
C ARG A 216 -16.79 1.78 11.62
N HIS A 217 -16.95 3.10 11.47
CA HIS A 217 -17.11 3.68 10.15
C HIS A 217 -16.18 4.88 9.98
N LEU A 218 -15.39 4.84 8.89
CA LEU A 218 -14.66 6.00 8.40
C LEU A 218 -15.15 6.32 7.00
N LEU A 219 -14.93 7.57 6.57
CA LEU A 219 -15.19 7.98 5.21
C LEU A 219 -14.05 7.48 4.31
N GLU A 220 -12.87 7.32 4.92
CA GLU A 220 -11.65 6.90 4.23
C GLU A 220 -10.98 5.82 5.07
N PHE A 221 -10.74 4.66 4.45
CA PHE A 221 -10.13 3.53 5.13
C PHE A 221 -9.44 2.64 4.10
N TRP A 222 -8.71 1.64 4.59
CA TRP A 222 -7.90 0.79 3.74
C TRP A 222 -8.46 -0.62 3.73
N MET A 223 -8.51 -1.23 2.54
CA MET A 223 -9.12 -2.54 2.37
C MET A 223 -8.19 -3.43 1.56
N VAL A 224 -7.84 -4.58 2.15
CA VAL A 224 -7.09 -5.63 1.48
C VAL A 224 -8.09 -6.56 0.81
N GLU A 225 -8.02 -6.70 -0.52
CA GLU A 225 -9.06 -7.39 -1.27
C GLU A 225 -8.46 -8.50 -2.13
N PRO A 226 -8.21 -9.71 -1.57
CA PRO A 226 -7.74 -10.84 -2.35
C PRO A 226 -8.82 -11.43 -3.28
N GLU A 227 -8.37 -11.97 -4.41
CA GLU A 227 -9.24 -12.58 -5.41
C GLU A 227 -8.44 -13.67 -6.13
N VAL A 228 -9.04 -14.86 -6.25
CA VAL A 228 -8.32 -16.03 -6.77
C VAL A 228 -9.19 -16.74 -7.80
N ALA A 229 -8.56 -17.16 -8.90
CA ALA A 229 -9.25 -17.87 -9.96
C ALA A 229 -9.41 -19.34 -9.58
N PHE A 230 -10.57 -19.91 -9.94
CA PHE A 230 -10.89 -21.33 -9.72
C PHE A 230 -11.22 -21.59 -8.26
N MET A 231 -11.19 -20.56 -7.40
CA MET A 231 -11.36 -20.75 -5.97
C MET A 231 -12.85 -20.71 -5.63
N THR A 232 -13.26 -21.64 -4.76
CA THR A 232 -14.67 -21.81 -4.40
C THR A 232 -14.98 -21.04 -3.12
N HIS A 233 -16.24 -21.09 -2.71
CA HIS A 233 -16.73 -20.42 -1.51
C HIS A 233 -16.13 -21.05 -0.25
N GLU A 234 -16.01 -22.39 -0.24
CA GLU A 234 -15.46 -23.09 0.90
C GLU A 234 -13.98 -22.76 1.05
N GLU A 235 -13.28 -22.67 -0.09
CA GLU A 235 -11.86 -22.33 -0.11
C GLU A 235 -11.66 -20.88 0.29
N ASN A 236 -12.60 -20.02 -0.08
CA ASN A 236 -12.55 -18.60 0.23
C ASN A 236 -12.42 -18.41 1.74
N MET A 237 -13.30 -19.08 2.49
CA MET A 237 -13.35 -18.95 3.95
C MET A 237 -12.05 -19.49 4.57
N ALA A 238 -11.51 -20.57 3.99
CA ALA A 238 -10.29 -21.18 4.52
C ALA A 238 -9.13 -20.19 4.42
N LEU A 239 -9.05 -19.49 3.28
CA LEU A 239 -8.00 -18.50 3.05
C LEU A 239 -8.17 -17.32 4.01
N GLN A 240 -9.41 -16.89 4.22
CA GLN A 240 -9.74 -15.84 5.16
C GLN A 240 -9.29 -16.24 6.56
N GLU A 241 -9.57 -17.48 6.96
CA GLU A 241 -9.15 -18.00 8.25
C GLU A 241 -7.62 -18.00 8.34
N GLU A 242 -6.99 -18.41 7.24
CA GLU A 242 -5.53 -18.54 7.19
C GLU A 242 -4.88 -17.19 7.40
N LEU A 243 -5.43 -16.15 6.76
CA LEU A 243 -4.89 -14.80 6.82
C LEU A 243 -5.00 -14.26 8.24
N VAL A 244 -6.23 -14.23 8.77
CA VAL A 244 -6.52 -13.53 10.01
C VAL A 244 -5.79 -14.20 11.16
N SER A 245 -5.67 -15.53 11.13
CA SER A 245 -5.00 -16.28 12.18
C SER A 245 -3.49 -16.05 12.11
N PHE A 246 -2.96 -15.88 10.90
CA PHE A 246 -1.55 -15.60 10.69
C PHE A 246 -1.22 -14.19 11.20
N LEU A 247 -2.09 -13.23 10.90
CA LEU A 247 -1.88 -11.84 11.26
C LEU A 247 -1.89 -11.70 12.78
N VAL A 248 -2.84 -12.36 13.46
CA VAL A 248 -2.98 -12.22 14.90
C VAL A 248 -1.78 -12.88 15.57
N ALA A 249 -1.33 -14.01 15.03
CA ALA A 249 -0.17 -14.72 15.54
C ALA A 249 1.08 -13.84 15.42
N ARG A 250 1.19 -13.11 14.31
CA ARG A 250 2.34 -12.27 14.02
C ARG A 250 2.42 -11.13 15.03
N VAL A 251 1.26 -10.57 15.41
CA VAL A 251 1.19 -9.48 16.37
C VAL A 251 1.57 -10.00 17.76
N LEU A 252 1.06 -11.18 18.13
CA LEU A 252 1.37 -11.79 19.43
C LEU A 252 2.87 -12.07 19.52
N GLU A 253 3.46 -12.48 18.39
CA GLU A 253 4.84 -12.92 18.32
C GLU A 253 5.81 -11.73 18.44
N ARG A 254 5.49 -10.63 17.73
CA ARG A 254 6.47 -9.58 17.48
C ARG A 254 6.06 -8.24 18.07
N ARG A 255 4.81 -8.11 18.54
CA ARG A 255 4.33 -6.84 19.06
C ARG A 255 3.65 -7.05 20.42
N SER A 256 4.19 -7.96 21.23
CA SER A 256 3.66 -8.23 22.55
C SER A 256 3.89 -7.05 23.48
N ARG A 257 5.01 -6.35 23.27
CA ARG A 257 5.35 -5.17 24.05
C ARG A 257 4.33 -4.06 23.77
N GLU A 258 3.87 -3.97 22.52
CA GLU A 258 2.90 -2.98 22.11
C GLU A 258 1.53 -3.30 22.70
N LEU A 259 1.17 -4.58 22.71
CA LEU A 259 -0.08 -5.03 23.31
C LEU A 259 -0.10 -4.66 24.78
N GLU A 260 1.04 -4.81 25.46
CA GLU A 260 1.15 -4.54 26.88
C GLU A 260 0.96 -3.04 27.15
N MET A 261 1.51 -2.21 26.26
CA MET A 261 1.37 -0.77 26.36
C MET A 261 -0.10 -0.37 26.22
N LEU A 262 -0.86 -1.14 25.44
CA LEU A 262 -2.27 -0.87 25.23
C LEU A 262 -3.13 -1.53 26.30
N GLY A 263 -2.53 -2.35 27.16
CA GLY A 263 -3.26 -3.07 28.20
C GLY A 263 -4.13 -4.18 27.61
N ARG A 264 -3.73 -4.70 26.45
CA ARG A 264 -4.48 -5.72 25.75
C ARG A 264 -4.05 -7.10 26.26
N ASP A 265 -5.03 -7.90 26.68
CA ASP A 265 -4.77 -9.24 27.20
C ASP A 265 -4.43 -10.17 26.03
N PRO A 266 -3.19 -10.69 25.94
CA PRO A 266 -2.83 -11.62 24.89
C PRO A 266 -3.78 -12.83 24.80
N LYS A 267 -4.29 -13.26 25.96
CA LYS A 267 -5.12 -14.47 26.03
C LYS A 267 -6.47 -14.27 25.34
N ALA A 268 -6.86 -13.02 25.11
CA ALA A 268 -8.02 -12.72 24.31
C ALA A 268 -7.79 -13.07 22.83
N LEU A 269 -6.55 -12.93 22.36
CA LEU A 269 -6.22 -13.05 20.95
C LEU A 269 -5.72 -14.46 20.61
N GLU A 270 -5.09 -15.16 21.57
CA GLU A 270 -4.47 -16.45 21.33
C GLU A 270 -5.39 -17.38 20.53
N PRO A 271 -6.67 -17.59 20.92
CA PRO A 271 -7.56 -18.47 20.16
C PRO A 271 -7.74 -18.07 18.69
N ALA A 272 -7.73 -16.75 18.41
CA ALA A 272 -7.87 -16.27 17.05
C ALA A 272 -6.65 -16.65 16.20
N ALA A 273 -5.48 -16.71 16.85
CA ALA A 273 -4.24 -17.05 16.16
C ALA A 273 -4.18 -18.55 15.84
N GLU A 274 -4.94 -19.37 16.60
CA GLU A 274 -4.87 -20.82 16.50
C GLU A 274 -5.81 -21.37 15.44
N GLY A 275 -6.69 -20.52 14.88
CA GLY A 275 -7.59 -20.96 13.82
C GLY A 275 -8.77 -21.76 14.39
N HIS A 276 -9.32 -22.66 13.56
CA HIS A 276 -10.49 -23.47 13.90
C HIS A 276 -11.70 -22.57 14.13
N TYR A 277 -11.90 -21.61 13.23
CA TYR A 277 -12.98 -20.64 13.37
C TYR A 277 -14.32 -21.35 13.24
N PRO A 278 -15.31 -21.05 14.12
CA PRO A 278 -16.66 -21.58 13.94
C PRO A 278 -17.33 -21.03 12.68
N ARG A 279 -18.23 -21.83 12.11
CA ARG A 279 -18.91 -21.48 10.88
C ARG A 279 -20.41 -21.65 11.10
N LEU A 280 -21.13 -20.53 11.02
CA LEU A 280 -22.58 -20.53 11.12
C LEU A 280 -23.16 -20.21 9.74
N THR A 281 -24.37 -20.71 9.49
CA THR A 281 -25.13 -20.24 8.34
C THR A 281 -25.89 -18.99 8.79
N TYR A 282 -26.42 -18.24 7.81
CA TYR A 282 -27.25 -17.09 8.11
C TYR A 282 -28.40 -17.54 9.01
N LYS A 283 -29.01 -18.68 8.66
CA LYS A 283 -30.15 -19.21 9.39
C LYS A 283 -29.77 -19.48 10.84
N GLU A 284 -28.66 -20.21 11.04
CA GLU A 284 -28.19 -20.59 12.37
C GLU A 284 -27.83 -19.34 13.17
N ALA A 285 -27.23 -18.36 12.49
CA ALA A 285 -26.79 -17.13 13.13
C ALA A 285 -27.99 -16.32 13.62
N VAL A 286 -29.05 -16.27 12.80
CA VAL A 286 -30.26 -15.52 13.14
C VAL A 286 -30.94 -16.17 14.35
N ALA A 287 -31.01 -17.51 14.34
CA ALA A 287 -31.55 -18.28 15.46
C ALA A 287 -30.81 -17.93 16.75
N LEU A 288 -29.47 -17.92 16.69
CA LEU A 288 -28.65 -17.69 17.86
C LEU A 288 -28.84 -16.25 18.36
N VAL A 289 -29.00 -15.30 17.44
CA VAL A 289 -29.22 -13.91 17.80
C VAL A 289 -30.56 -13.78 18.52
N ASN A 290 -31.60 -14.43 17.97
CA ASN A 290 -32.93 -14.39 18.54
C ASN A 290 -32.95 -15.10 19.89
N ARG A 291 -32.08 -16.11 20.07
CA ARG A 291 -31.96 -16.81 21.33
C ARG A 291 -31.34 -15.88 22.38
N ILE A 292 -30.31 -15.11 21.96
CA ILE A 292 -29.69 -14.13 22.84
C ILE A 292 -30.69 -13.02 23.15
N ALA A 293 -31.46 -12.61 22.13
CA ALA A 293 -32.37 -11.48 22.24
C ALA A 293 -33.42 -11.74 23.32
N GLN A 294 -33.85 -12.99 23.46
CA GLN A 294 -34.81 -13.37 24.48
C GLN A 294 -34.17 -13.30 25.86
N GLU A 295 -32.92 -13.74 25.97
CA GLU A 295 -32.18 -13.75 27.23
C GLU A 295 -31.91 -12.32 27.70
N ASP A 296 -31.53 -11.44 26.76
CA ASP A 296 -31.12 -10.07 27.08
C ASP A 296 -31.95 -9.08 26.27
N PRO A 297 -32.90 -8.35 26.90
CA PRO A 297 -33.72 -7.36 26.20
C PRO A 297 -32.97 -6.26 25.46
N GLU A 298 -31.72 -5.97 25.87
CA GLU A 298 -30.93 -4.93 25.22
C GLU A 298 -30.50 -5.39 23.82
N VAL A 299 -30.28 -6.70 23.64
CA VAL A 299 -29.94 -7.25 22.34
C VAL A 299 -31.22 -7.35 21.53
N PRO A 300 -31.36 -6.59 20.40
CA PRO A 300 -32.57 -6.65 19.60
C PRO A 300 -32.70 -7.97 18.83
N PRO A 301 -33.95 -8.44 18.55
CA PRO A 301 -34.17 -9.60 17.70
C PRO A 301 -34.00 -9.31 16.22
N LEU A 302 -33.75 -10.37 15.45
CA LEU A 302 -33.52 -10.27 14.02
C LEU A 302 -34.54 -11.17 13.30
N PRO A 303 -35.57 -10.60 12.64
CA PRO A 303 -36.45 -11.39 11.78
C PRO A 303 -35.71 -11.99 10.59
N TYR A 304 -35.94 -13.29 10.34
CA TYR A 304 -35.30 -13.96 9.23
C TYR A 304 -35.59 -13.17 7.94
N GLY A 305 -34.53 -12.86 7.19
CA GLY A 305 -34.64 -12.11 5.96
C GLY A 305 -34.04 -10.71 6.07
N GLU A 306 -34.05 -10.15 7.28
CA GLU A 306 -33.45 -8.85 7.53
C GLU A 306 -31.94 -9.00 7.65
N ASP A 307 -31.22 -7.92 7.35
CA ASP A 307 -29.77 -7.91 7.40
C ASP A 307 -29.33 -7.72 8.85
N PHE A 308 -28.09 -8.13 9.14
CA PHE A 308 -27.51 -7.99 10.46
C PHE A 308 -27.11 -6.53 10.69
N GLY A 309 -27.74 -5.91 11.68
CA GLY A 309 -27.25 -4.67 12.26
C GLY A 309 -26.05 -4.90 13.18
N ALA A 310 -25.37 -3.82 13.54
CA ALA A 310 -24.16 -3.88 14.33
C ALA A 310 -24.38 -4.54 15.68
N PRO A 311 -25.47 -4.20 16.43
CA PRO A 311 -25.74 -4.87 17.70
C PRO A 311 -25.99 -6.38 17.58
N HIS A 312 -26.54 -6.82 16.44
CA HIS A 312 -26.71 -8.25 16.20
C HIS A 312 -25.33 -8.92 16.11
N GLU A 313 -24.45 -8.34 15.29
CA GLU A 313 -23.11 -8.85 15.09
C GLU A 313 -22.33 -8.84 16.40
N ALA A 314 -22.48 -7.76 17.17
CA ALA A 314 -21.78 -7.60 18.44
C ALA A 314 -22.12 -8.75 19.38
N ALA A 315 -23.43 -8.99 19.57
CA ALA A 315 -23.90 -10.00 20.51
C ALA A 315 -23.50 -11.39 20.03
N LEU A 316 -23.57 -11.62 18.71
CA LEU A 316 -23.26 -12.91 18.13
C LEU A 316 -21.79 -13.26 18.34
N SER A 317 -20.94 -12.22 18.22
CA SER A 317 -19.49 -12.40 18.25
C SER A 317 -18.97 -12.67 19.66
N ARG A 318 -19.71 -12.22 20.68
CA ARG A 318 -19.31 -12.39 22.07
C ARG A 318 -19.54 -13.83 22.53
N ARG A 319 -20.28 -14.62 21.74
CA ARG A 319 -20.61 -15.98 22.14
C ARG A 319 -19.53 -16.96 21.71
N PHE A 320 -18.47 -16.45 21.06
CA PHE A 320 -17.34 -17.27 20.65
C PHE A 320 -16.03 -16.62 21.12
N ASP A 321 -14.97 -17.43 21.16
CA ASP A 321 -13.68 -17.02 21.68
C ASP A 321 -12.75 -16.58 20.54
N ARG A 322 -13.25 -16.67 19.30
CA ARG A 322 -12.46 -16.34 18.13
C ARG A 322 -13.41 -15.93 17.00
N PRO A 323 -12.88 -15.41 15.86
CA PRO A 323 -13.74 -15.01 14.75
C PRO A 323 -14.70 -16.12 14.31
N VAL A 324 -15.91 -15.71 13.89
CA VAL A 324 -16.95 -16.64 13.49
C VAL A 324 -17.40 -16.28 12.08
N PHE A 325 -17.52 -17.32 11.23
CA PHE A 325 -18.02 -17.15 9.88
C PHE A 325 -19.54 -17.25 9.91
N VAL A 326 -20.20 -16.33 9.21
CA VAL A 326 -21.62 -16.42 8.89
C VAL A 326 -21.74 -16.48 7.38
N GLU A 327 -22.37 -17.55 6.85
CA GLU A 327 -22.37 -17.81 5.42
C GLU A 327 -23.80 -18.02 4.91
N ARG A 328 -23.95 -17.87 3.59
CA ARG A 328 -25.18 -18.20 2.88
C ARG A 328 -26.31 -17.30 3.37
N TYR A 329 -26.17 -15.99 3.12
CA TYR A 329 -27.22 -15.02 3.39
C TYR A 329 -28.26 -15.13 2.28
N PRO A 330 -29.48 -14.54 2.45
CA PRO A 330 -30.43 -14.47 1.36
C PRO A 330 -29.94 -13.61 0.20
N ALA A 331 -30.25 -14.03 -1.03
CA ALA A 331 -29.83 -13.32 -2.22
C ALA A 331 -30.40 -11.91 -2.25
N ARG A 332 -31.65 -11.78 -1.78
CA ARG A 332 -32.41 -10.54 -1.93
C ARG A 332 -31.77 -9.38 -1.18
N ILE A 333 -30.91 -9.65 -0.19
CA ILE A 333 -30.28 -8.58 0.59
C ILE A 333 -28.77 -8.53 0.33
N LYS A 334 -28.33 -9.07 -0.82
CA LYS A 334 -26.91 -9.11 -1.14
C LYS A 334 -26.70 -8.61 -2.58
N ALA A 335 -25.43 -8.51 -2.98
CA ALA A 335 -25.06 -7.90 -4.24
C ALA A 335 -25.35 -8.84 -5.41
N PHE A 336 -25.38 -8.26 -6.62
CA PHE A 336 -25.78 -8.95 -7.83
C PHE A 336 -24.72 -9.98 -8.26
N TYR A 337 -23.45 -9.70 -7.95
CA TYR A 337 -22.34 -10.48 -8.49
C TYR A 337 -22.18 -11.82 -7.75
N MET A 338 -22.92 -12.02 -6.65
CA MET A 338 -22.72 -13.17 -5.79
C MET A 338 -23.35 -14.41 -6.42
N GLU A 339 -22.61 -15.52 -6.38
CA GLU A 339 -23.03 -16.78 -6.96
C GLU A 339 -24.12 -17.40 -6.09
N PRO A 340 -25.27 -17.82 -6.67
CA PRO A 340 -26.32 -18.46 -5.89
C PRO A 340 -25.97 -19.86 -5.41
N ASP A 341 -26.61 -20.28 -4.32
CA ASP A 341 -26.38 -21.59 -3.72
C ASP A 341 -27.02 -22.66 -4.60
N PRO A 342 -26.27 -23.66 -5.09
CA PRO A 342 -26.83 -24.75 -5.88
C PRO A 342 -28.06 -25.42 -5.25
N GLU A 343 -27.98 -25.70 -3.95
CA GLU A 343 -29.04 -26.38 -3.22
C GLU A 343 -30.25 -25.45 -3.07
N ASP A 344 -30.02 -24.24 -2.56
CA ASP A 344 -31.10 -23.32 -2.25
C ASP A 344 -30.96 -22.07 -3.13
N PRO A 345 -31.86 -21.87 -4.13
CA PRO A 345 -31.83 -20.67 -4.97
C PRO A 345 -31.88 -19.35 -4.21
N GLU A 346 -32.53 -19.33 -3.03
CA GLU A 346 -32.73 -18.10 -2.28
C GLU A 346 -31.44 -17.63 -1.61
N LEU A 347 -30.47 -18.53 -1.43
CA LEU A 347 -29.23 -18.19 -0.74
C LEU A 347 -28.11 -17.97 -1.76
N VAL A 348 -27.07 -17.24 -1.32
CA VAL A 348 -25.88 -17.00 -2.13
C VAL A 348 -24.66 -17.49 -1.36
N LEU A 349 -23.66 -17.97 -2.11
CA LEU A 349 -22.42 -18.47 -1.53
C LEU A 349 -21.55 -17.28 -1.12
N ASN A 350 -21.85 -16.73 0.06
CA ASN A 350 -21.15 -15.58 0.60
C ASN A 350 -20.82 -15.83 2.07
N ASP A 351 -19.93 -15.00 2.63
CA ASP A 351 -19.55 -15.12 4.02
C ASP A 351 -19.10 -13.75 4.57
N ASP A 352 -19.41 -13.53 5.86
CA ASP A 352 -18.80 -12.47 6.64
C ASP A 352 -18.06 -13.12 7.81
N LEU A 353 -16.89 -12.56 8.16
CA LEU A 353 -16.15 -12.98 9.33
C LEU A 353 -16.30 -11.93 10.42
N LEU A 354 -16.89 -12.32 11.55
CA LEU A 354 -17.08 -11.44 12.69
C LEU A 354 -15.95 -11.67 13.69
N ALA A 355 -15.22 -10.60 14.03
CA ALA A 355 -14.24 -10.66 15.11
C ALA A 355 -14.96 -10.69 16.45
N PRO A 356 -14.39 -11.34 17.48
CA PRO A 356 -15.05 -11.48 18.78
C PRO A 356 -15.05 -10.19 19.60
N GLU A 357 -15.60 -10.30 20.82
CA GLU A 357 -15.60 -9.21 21.80
C GLU A 357 -16.44 -8.04 21.31
N GLY A 358 -17.44 -8.33 20.46
CA GLY A 358 -18.41 -7.33 20.02
C GLY A 358 -17.94 -6.52 18.81
N TYR A 359 -16.78 -6.90 18.22
CA TYR A 359 -16.17 -6.09 17.18
C TYR A 359 -16.89 -6.30 15.85
N GLY A 360 -17.39 -7.51 15.59
CA GLY A 360 -18.19 -7.78 14.40
C GLY A 360 -17.34 -7.83 13.14
N GLU A 361 -18.00 -7.58 11.99
CA GLU A 361 -17.45 -7.83 10.67
C GLU A 361 -16.05 -7.22 10.53
N ILE A 362 -15.08 -8.05 10.16
CA ILE A 362 -13.76 -7.56 9.74
C ILE A 362 -13.51 -7.92 8.27
N ILE A 363 -14.08 -9.05 7.81
CA ILE A 363 -13.98 -9.45 6.42
C ILE A 363 -15.39 -9.64 5.86
N GLY A 364 -15.53 -9.35 4.56
CA GLY A 364 -16.72 -9.68 3.80
C GLY A 364 -16.33 -10.16 2.40
N GLY A 365 -16.81 -11.35 2.03
CA GLY A 365 -16.48 -11.93 0.74
C GLY A 365 -17.59 -12.84 0.20
N SER A 366 -17.41 -13.31 -1.03
CA SER A 366 -18.34 -14.26 -1.65
C SER A 366 -17.66 -14.95 -2.83
N GLN A 367 -18.32 -15.99 -3.34
CA GLN A 367 -18.02 -16.51 -4.65
C GLN A 367 -18.73 -15.62 -5.67
N ARG A 368 -18.17 -15.55 -6.89
CA ARG A 368 -18.68 -14.67 -7.93
C ARG A 368 -19.36 -15.51 -9.01
N ILE A 369 -20.33 -14.91 -9.70
CA ILE A 369 -21.00 -15.55 -10.82
C ILE A 369 -20.02 -15.64 -11.99
N HIS A 370 -19.95 -16.84 -12.59
CA HIS A 370 -19.05 -17.10 -13.72
C HIS A 370 -19.86 -17.33 -15.00
N ASP A 371 -21.18 -17.44 -14.88
CA ASP A 371 -22.05 -17.66 -16.03
C ASP A 371 -22.48 -16.31 -16.60
N LEU A 372 -22.29 -16.14 -17.90
CA LEU A 372 -22.53 -14.85 -18.56
C LEU A 372 -24.00 -14.46 -18.45
N GLU A 373 -24.89 -15.37 -18.86
CA GLU A 373 -26.31 -15.06 -18.98
C GLU A 373 -26.94 -14.88 -17.59
N LEU A 374 -26.44 -15.63 -16.60
CA LEU A 374 -26.94 -15.53 -15.24
C LEU A 374 -26.59 -14.14 -14.67
N LEU A 375 -25.34 -13.71 -14.88
CA LEU A 375 -24.89 -12.40 -14.41
C LEU A 375 -25.66 -11.31 -15.13
N ARG A 376 -25.82 -11.49 -16.45
CA ARG A 376 -26.57 -10.55 -17.28
C ARG A 376 -28.01 -10.46 -16.76
N ARG A 377 -28.58 -11.61 -16.39
CA ARG A 377 -29.94 -11.70 -15.88
C ARG A 377 -30.07 -10.97 -14.54
N LYS A 378 -29.05 -11.11 -13.67
CA LYS A 378 -29.09 -10.52 -12.35
C LYS A 378 -28.83 -9.01 -12.40
N ILE A 379 -28.09 -8.55 -13.41
CA ILE A 379 -27.84 -7.12 -13.57
C ILE A 379 -29.17 -6.40 -13.77
N GLN A 380 -30.04 -6.94 -14.64
CA GLN A 380 -31.32 -6.31 -14.95
C GLN A 380 -32.28 -6.49 -13.78
N GLU A 381 -32.20 -7.62 -13.07
CA GLU A 381 -33.06 -7.89 -11.92
C GLU A 381 -32.83 -6.85 -10.82
N PHE A 382 -31.56 -6.46 -10.61
CA PHE A 382 -31.20 -5.46 -9.61
C PHE A 382 -31.42 -4.06 -10.16
N GLY A 383 -31.79 -3.96 -11.45
CA GLY A 383 -32.13 -2.68 -12.06
C GLY A 383 -30.89 -1.83 -12.29
N LEU A 384 -29.82 -2.46 -12.80
CA LEU A 384 -28.55 -1.79 -13.01
C LEU A 384 -28.32 -1.62 -14.50
N PRO A 385 -27.68 -0.52 -14.95
CA PRO A 385 -27.36 -0.34 -16.36
C PRO A 385 -26.28 -1.30 -16.87
N GLU A 386 -26.64 -2.12 -17.86
CA GLU A 386 -25.74 -3.13 -18.38
C GLU A 386 -24.55 -2.48 -19.09
N GLU A 387 -24.70 -1.21 -19.47
CA GLU A 387 -23.68 -0.49 -20.23
C GLU A 387 -22.40 -0.36 -19.41
N VAL A 388 -22.56 0.01 -18.12
CA VAL A 388 -21.41 0.38 -17.29
C VAL A 388 -20.68 -0.88 -16.82
N TYR A 389 -21.36 -2.04 -16.85
CA TYR A 389 -20.76 -3.29 -16.40
C TYR A 389 -20.41 -4.17 -17.59
N ASP A 390 -20.16 -3.56 -18.76
CA ASP A 390 -19.91 -4.33 -19.98
C ASP A 390 -18.52 -4.95 -19.93
N TRP A 391 -17.54 -4.19 -19.43
CA TRP A 391 -16.20 -4.70 -19.24
C TRP A 391 -16.19 -5.79 -18.18
N TYR A 392 -17.06 -5.66 -17.17
CA TYR A 392 -17.22 -6.67 -16.13
C TYR A 392 -17.77 -7.95 -16.76
N LEU A 393 -18.68 -7.80 -17.73
CA LEU A 393 -19.29 -8.93 -18.42
C LEU A 393 -18.27 -9.62 -19.34
N ASP A 394 -17.28 -8.87 -19.83
CA ASP A 394 -16.24 -9.45 -20.66
C ASP A 394 -15.49 -10.53 -19.89
N LEU A 395 -15.43 -10.41 -18.56
CA LEU A 395 -14.77 -11.40 -17.72
C LEU A 395 -15.57 -12.70 -17.67
N ARG A 396 -16.84 -12.63 -18.09
CA ARG A 396 -17.68 -13.81 -18.22
C ARG A 396 -17.75 -14.28 -19.67
N ARG A 397 -17.63 -13.35 -20.62
CA ARG A 397 -17.60 -13.69 -22.04
C ARG A 397 -16.31 -14.45 -22.37
N PHE A 398 -15.17 -13.95 -21.89
CA PHE A 398 -13.88 -14.47 -22.31
C PHE A 398 -13.12 -15.05 -21.11
N GLY A 399 -12.97 -16.37 -21.11
CA GLY A 399 -12.14 -17.06 -20.13
C GLY A 399 -12.75 -17.05 -18.72
N SER A 400 -14.08 -17.21 -18.66
CA SER A 400 -14.75 -17.23 -17.37
C SER A 400 -14.42 -18.52 -16.63
N VAL A 401 -14.19 -18.39 -15.31
CA VAL A 401 -14.01 -19.53 -14.43
C VAL A 401 -14.68 -19.19 -13.10
N PRO A 402 -15.06 -20.18 -12.28
CA PRO A 402 -15.46 -19.89 -10.90
C PRO A 402 -14.32 -19.20 -10.16
N HIS A 403 -14.66 -18.14 -9.42
CA HIS A 403 -13.66 -17.39 -8.68
C HIS A 403 -14.31 -16.77 -7.45
N SER A 404 -13.50 -16.56 -6.41
CA SER A 404 -13.97 -16.02 -5.15
C SER A 404 -12.95 -15.01 -4.63
N GLY A 405 -13.38 -14.21 -3.65
CA GLY A 405 -12.53 -13.21 -3.02
C GLY A 405 -13.21 -12.56 -1.82
N PHE A 406 -12.48 -11.66 -1.15
CA PHE A 406 -12.99 -11.00 0.03
C PHE A 406 -12.30 -9.65 0.21
N GLY A 407 -12.85 -8.85 1.13
CA GLY A 407 -12.28 -7.58 1.53
C GLY A 407 -12.07 -7.53 3.04
N LEU A 408 -10.83 -7.30 3.46
CA LEU A 408 -10.47 -7.18 4.86
C LEU A 408 -10.26 -5.71 5.18
N GLY A 409 -11.02 -5.20 6.16
CA GLY A 409 -10.85 -3.84 6.65
C GLY A 409 -9.66 -3.75 7.60
N LEU A 410 -8.67 -2.93 7.25
CA LEU A 410 -7.44 -2.86 8.03
C LEU A 410 -7.70 -2.19 9.37
N GLU A 411 -8.50 -1.12 9.36
CA GLU A 411 -8.72 -0.31 10.55
C GLU A 411 -9.54 -1.10 11.56
N ARG A 412 -10.52 -1.85 11.06
CA ARG A 412 -11.34 -2.73 11.88
C ARG A 412 -10.46 -3.77 12.58
N THR A 413 -9.59 -4.43 11.80
CA THR A 413 -8.74 -5.48 12.30
C THR A 413 -7.74 -4.91 13.32
N VAL A 414 -7.24 -3.70 13.04
CA VAL A 414 -6.32 -3.02 13.96
C VAL A 414 -7.06 -2.68 15.23
N ALA A 415 -8.27 -2.14 15.11
CA ALA A 415 -9.09 -1.76 16.25
C ALA A 415 -9.35 -2.96 17.14
N TRP A 416 -9.73 -4.08 16.51
CA TRP A 416 -10.02 -5.31 17.25
C TRP A 416 -8.79 -5.78 18.01
N ILE A 417 -7.66 -5.89 17.31
CA ILE A 417 -6.45 -6.46 17.87
C ILE A 417 -5.91 -5.56 18.98
N CYS A 418 -6.03 -4.24 18.80
CA CYS A 418 -5.53 -3.27 19.77
C CYS A 418 -6.56 -3.00 20.87
N GLY A 419 -7.81 -3.47 20.67
CA GLY A 419 -8.84 -3.33 21.68
C GLY A 419 -9.33 -1.89 21.80
N LEU A 420 -9.40 -1.19 20.67
CA LEU A 420 -9.74 0.22 20.63
C LEU A 420 -11.26 0.38 20.63
N ALA A 421 -11.72 1.55 21.09
CA ALA A 421 -13.15 1.84 21.19
C ALA A 421 -13.69 2.39 19.86
N HIS A 422 -12.81 2.95 19.02
CA HIS A 422 -13.20 3.55 17.76
C HIS A 422 -12.11 3.32 16.72
N VAL A 423 -12.52 3.09 15.46
CA VAL A 423 -11.61 2.79 14.38
C VAL A 423 -10.75 4.00 14.02
N ARG A 424 -11.23 5.21 14.35
CA ARG A 424 -10.51 6.44 14.05
C ARG A 424 -9.13 6.43 14.70
N GLU A 425 -8.98 5.72 15.82
CA GLU A 425 -7.72 5.65 16.55
C GLU A 425 -6.73 4.71 15.85
N ALA A 426 -7.18 3.98 14.83
CA ALA A 426 -6.39 2.93 14.20
C ALA A 426 -5.77 3.38 12.89
N ILE A 427 -5.83 4.68 12.59
CA ILE A 427 -5.27 5.22 11.35
C ILE A 427 -4.61 6.56 11.69
N PRO A 428 -3.45 6.91 11.08
CA PRO A 428 -2.75 8.15 11.42
C PRO A 428 -3.64 9.37 11.53
N PHE A 429 -4.41 9.68 10.47
CA PHE A 429 -5.23 10.88 10.44
C PHE A 429 -6.62 10.52 9.92
N PRO A 430 -7.57 10.16 10.82
CA PRO A 430 -8.88 9.67 10.41
C PRO A 430 -9.75 10.73 9.72
N ARG A 431 -10.72 10.25 8.92
CA ARG A 431 -11.65 11.11 8.20
C ARG A 431 -13.07 10.60 8.42
N MET A 432 -13.86 11.35 9.20
CA MET A 432 -15.24 11.00 9.54
C MET A 432 -16.16 12.14 9.12
N TYR A 433 -17.45 12.02 9.47
CA TYR A 433 -18.47 12.99 9.12
C TYR A 433 -18.06 14.39 9.61
N THR A 434 -17.78 14.49 10.92
CA THR A 434 -17.48 15.76 11.55
C THR A 434 -16.01 15.82 11.95
N ARG A 435 -15.14 15.22 11.13
CA ARG A 435 -13.73 15.14 11.42
C ARG A 435 -12.96 15.05 10.11
N MET A 436 -12.30 16.14 9.74
CA MET A 436 -11.55 16.22 8.50
C MET A 436 -10.20 16.89 8.75
N ARG A 437 -9.75 16.90 10.01
CA ARG A 437 -8.55 17.64 10.42
C ARG A 437 -7.86 16.93 11.58
N PRO A 438 -6.53 17.08 11.75
CA PRO A 438 -5.69 17.84 10.83
C PRO A 438 -5.43 17.13 9.51
N MET B 1 -1.03 -33.66 -8.00
CA MET B 1 -1.40 -32.40 -7.28
C MET B 1 -1.47 -31.25 -8.30
N ARG B 2 -2.33 -30.27 -7.99
CA ARG B 2 -2.39 -29.04 -8.76
C ARG B 2 -1.14 -28.22 -8.50
N VAL B 3 -0.57 -27.64 -9.57
CA VAL B 3 0.60 -26.79 -9.47
C VAL B 3 0.40 -25.57 -10.34
N PHE B 4 1.31 -24.59 -10.20
CA PHE B 4 1.36 -23.42 -11.06
C PHE B 4 2.59 -23.51 -11.96
N ILE B 5 2.52 -22.86 -13.12
CA ILE B 5 3.62 -22.83 -14.07
C ILE B 5 4.82 -22.13 -13.43
N ASP B 6 4.53 -21.21 -12.50
CA ASP B 6 5.55 -20.49 -11.75
C ASP B 6 6.64 -21.46 -11.27
N GLU B 7 6.22 -22.62 -10.77
CA GLU B 7 7.10 -23.55 -10.08
C GLU B 7 7.13 -24.90 -10.82
N ILE B 8 7.02 -24.85 -12.15
CA ILE B 8 6.86 -26.06 -12.95
C ILE B 8 8.15 -26.89 -12.94
N ALA B 9 9.29 -26.21 -12.79
CA ALA B 9 10.59 -26.87 -12.85
C ALA B 9 10.81 -27.78 -11.65
N ARG B 10 10.00 -27.62 -10.59
CA ARG B 10 10.11 -28.45 -9.41
C ARG B 10 9.52 -29.84 -9.66
N HIS B 11 8.46 -29.91 -10.49
CA HIS B 11 7.68 -31.13 -10.66
C HIS B 11 8.04 -31.83 -11.96
N VAL B 12 9.34 -32.10 -12.16
CA VAL B 12 9.81 -32.74 -13.38
C VAL B 12 9.47 -34.23 -13.31
N ASP B 13 9.00 -34.78 -14.44
CA ASP B 13 8.65 -36.18 -14.56
C ASP B 13 7.63 -36.57 -13.48
N GLN B 14 6.58 -35.76 -13.34
CA GLN B 14 5.59 -35.96 -12.28
C GLN B 14 4.20 -35.60 -12.80
N GLU B 15 3.18 -36.27 -12.26
CA GLU B 15 1.79 -35.99 -12.60
C GLU B 15 1.37 -34.68 -11.94
N VAL B 16 0.88 -33.74 -12.76
CA VAL B 16 0.45 -32.44 -12.27
C VAL B 16 -0.86 -32.04 -12.95
N GLU B 17 -1.62 -31.19 -12.28
CA GLU B 17 -2.80 -30.55 -12.84
C GLU B 17 -2.49 -29.06 -13.02
N LEU B 18 -2.91 -28.50 -14.16
CA LEU B 18 -2.85 -27.07 -14.38
C LEU B 18 -4.27 -26.56 -14.59
N ARG B 19 -4.53 -25.35 -14.09
CA ARG B 19 -5.79 -24.67 -14.31
C ARG B 19 -5.47 -23.30 -14.89
N GLY B 20 -6.03 -22.99 -16.06
CA GLY B 20 -5.74 -21.74 -16.72
C GLY B 20 -6.49 -21.58 -18.03
N TRP B 21 -5.85 -20.88 -18.98
CA TRP B 21 -6.48 -20.44 -20.21
C TRP B 21 -5.57 -20.77 -21.40
N LEU B 22 -6.19 -20.98 -22.56
CA LEU B 22 -5.45 -21.25 -23.78
C LEU B 22 -5.05 -19.91 -24.41
N TYR B 23 -3.74 -19.71 -24.55
CA TYR B 23 -3.20 -18.47 -25.10
C TYR B 23 -2.96 -18.65 -26.60
N GLN B 24 -2.43 -19.81 -27.00
CA GLN B 24 -1.98 -20.04 -28.36
C GLN B 24 -2.20 -21.51 -28.73
N ARG B 25 -2.65 -21.76 -29.98
CA ARG B 25 -2.86 -23.12 -30.46
C ARG B 25 -2.23 -23.29 -31.84
N ARG B 26 -1.63 -24.47 -32.08
CA ARG B 26 -1.07 -24.83 -33.37
C ARG B 26 -1.29 -26.32 -33.63
N SER B 27 -2.29 -26.65 -34.44
CA SER B 27 -2.68 -28.03 -34.70
C SER B 27 -2.04 -28.53 -36.00
N LYS B 28 -1.03 -29.41 -35.87
CA LYS B 28 -0.28 -29.92 -37.02
C LYS B 28 -0.53 -31.42 -37.20
N GLY B 29 -1.66 -31.74 -37.85
CA GLY B 29 -1.94 -33.11 -38.26
C GLY B 29 -2.42 -33.98 -37.10
N LYS B 30 -1.48 -34.67 -36.45
CA LYS B 30 -1.80 -35.60 -35.37
C LYS B 30 -1.03 -35.19 -34.11
N ILE B 31 -1.09 -33.89 -33.78
CA ILE B 31 -0.46 -33.34 -32.59
C ILE B 31 -0.85 -31.87 -32.45
N HIS B 32 -1.26 -31.46 -31.25
CA HIS B 32 -1.58 -30.07 -30.96
C HIS B 32 -0.50 -29.49 -30.04
N PHE B 33 0.03 -28.33 -30.42
CA PHE B 33 0.92 -27.55 -29.57
C PHE B 33 0.11 -26.42 -28.95
N LEU B 34 -0.23 -26.58 -27.66
CA LEU B 34 -0.93 -25.55 -26.91
C LEU B 34 0.10 -24.69 -26.19
N ILE B 35 -0.21 -23.40 -26.03
CA ILE B 35 0.44 -22.56 -25.03
C ILE B 35 -0.61 -22.20 -23.99
N LEU B 36 -0.40 -22.71 -22.75
CA LEU B 36 -1.29 -22.44 -21.65
C LEU B 36 -0.75 -21.25 -20.85
N ARG B 37 -1.66 -20.47 -20.27
CA ARG B 37 -1.33 -19.53 -19.22
C ARG B 37 -2.21 -19.86 -18.02
N ASP B 38 -1.63 -19.80 -16.81
CA ASP B 38 -2.38 -20.05 -15.59
C ASP B 38 -2.33 -18.84 -14.67
N GLY B 39 -1.81 -17.71 -15.18
CA GLY B 39 -1.70 -16.48 -14.42
C GLY B 39 -0.35 -16.31 -13.74
N THR B 40 0.44 -17.40 -13.67
CA THR B 40 1.77 -17.36 -13.08
C THR B 40 2.84 -17.55 -14.15
N GLY B 41 2.42 -17.77 -15.41
CA GLY B 41 3.38 -17.97 -16.48
C GLY B 41 2.75 -18.55 -17.74
N PHE B 42 3.61 -18.95 -18.68
CA PHE B 42 3.19 -19.48 -19.97
C PHE B 42 3.96 -20.77 -20.22
N LEU B 43 3.24 -21.82 -20.62
CA LEU B 43 3.82 -23.15 -20.71
C LEU B 43 3.31 -23.86 -21.96
N GLN B 44 4.19 -24.62 -22.61
CA GLN B 44 3.85 -25.45 -23.74
C GLN B 44 3.19 -26.74 -23.23
N ALA B 45 2.07 -27.11 -23.87
CA ALA B 45 1.39 -28.36 -23.56
C ALA B 45 1.03 -29.07 -24.87
N THR B 46 1.57 -30.28 -25.07
CA THR B 46 1.37 -31.02 -26.31
C THR B 46 0.29 -32.08 -26.12
N VAL B 47 -0.66 -32.12 -27.06
CA VAL B 47 -1.72 -33.11 -27.07
C VAL B 47 -1.52 -34.00 -28.30
N VAL B 48 -0.84 -35.14 -28.09
CA VAL B 48 -0.53 -36.07 -29.18
C VAL B 48 -1.68 -37.07 -29.29
N GLN B 49 -2.05 -37.41 -30.53
CA GLN B 49 -3.09 -38.41 -30.79
C GLN B 49 -2.55 -39.79 -30.40
N GLY B 50 -3.33 -40.53 -29.61
CA GLY B 50 -2.93 -41.84 -29.14
C GLY B 50 -2.68 -41.84 -27.63
N GLU B 51 -2.06 -40.76 -27.13
CA GLU B 51 -1.72 -40.63 -25.72
C GLU B 51 -2.90 -40.05 -24.94
N VAL B 52 -3.87 -39.45 -25.66
CA VAL B 52 -5.09 -38.93 -25.04
C VAL B 52 -6.28 -39.70 -25.60
N PRO B 53 -7.47 -39.65 -24.96
CA PRO B 53 -8.70 -40.13 -25.59
C PRO B 53 -9.05 -39.37 -26.87
N GLU B 54 -9.80 -40.03 -27.76
CA GLU B 54 -10.13 -39.42 -29.05
C GLU B 54 -11.06 -38.23 -28.84
N ALA B 55 -11.95 -38.31 -27.84
CA ALA B 55 -12.90 -37.25 -27.55
C ALA B 55 -12.17 -35.98 -27.13
N VAL B 56 -11.03 -36.15 -26.42
CA VAL B 56 -10.17 -35.05 -26.02
C VAL B 56 -9.56 -34.40 -27.25
N PHE B 57 -8.98 -35.24 -28.13
CA PHE B 57 -8.23 -34.77 -29.28
C PHE B 57 -9.13 -34.01 -30.26
N ARG B 58 -10.45 -34.26 -30.21
CA ARG B 58 -11.41 -33.55 -31.05
C ARG B 58 -11.61 -32.13 -30.55
N GLU B 59 -11.80 -31.96 -29.24
CA GLU B 59 -12.01 -30.65 -28.64
C GLU B 59 -10.78 -29.77 -28.88
N ALA B 60 -9.59 -30.35 -28.67
CA ALA B 60 -8.33 -29.64 -28.79
C ALA B 60 -8.09 -29.15 -30.22
N ASP B 61 -8.74 -29.80 -31.19
CA ASP B 61 -8.56 -29.48 -32.60
C ASP B 61 -9.29 -28.18 -32.96
N HIS B 62 -10.32 -27.83 -32.19
CA HIS B 62 -11.10 -26.63 -32.46
C HIS B 62 -11.37 -25.92 -31.13
N LEU B 63 -10.30 -25.39 -30.53
CA LEU B 63 -10.33 -24.81 -29.20
C LEU B 63 -9.81 -23.38 -29.25
N PRO B 64 -10.69 -22.36 -29.13
CA PRO B 64 -10.30 -20.96 -29.39
C PRO B 64 -9.45 -20.34 -28.29
N GLN B 65 -9.06 -19.07 -28.51
CA GLN B 65 -8.20 -18.35 -27.59
C GLN B 65 -8.99 -17.93 -26.36
N GLU B 66 -8.35 -18.03 -25.18
CA GLU B 66 -8.94 -17.72 -23.89
C GLU B 66 -10.04 -18.73 -23.55
N THR B 67 -9.79 -20.00 -23.87
CA THR B 67 -10.61 -21.10 -23.41
C THR B 67 -10.12 -21.49 -22.03
N ALA B 68 -10.97 -21.31 -21.02
CA ALA B 68 -10.66 -21.78 -19.68
C ALA B 68 -10.69 -23.31 -19.67
N LEU B 69 -9.65 -23.93 -19.11
CA LEU B 69 -9.55 -25.38 -19.14
C LEU B 69 -8.68 -25.89 -18.00
N ARG B 70 -8.90 -27.16 -17.65
CA ARG B 70 -8.07 -27.91 -16.72
C ARG B 70 -7.30 -28.96 -17.51
N VAL B 71 -6.02 -29.15 -17.17
CA VAL B 71 -5.13 -30.02 -17.93
C VAL B 71 -4.37 -30.94 -16.97
N TRP B 72 -4.36 -32.23 -17.31
CA TRP B 72 -3.57 -33.23 -16.61
C TRP B 72 -2.47 -33.74 -17.54
N GLY B 73 -1.27 -33.96 -16.98
CA GLY B 73 -0.16 -34.45 -17.77
C GLY B 73 1.12 -34.59 -16.95
N ARG B 74 2.15 -35.12 -17.61
CA ARG B 74 3.48 -35.26 -17.03
C ARG B 74 4.37 -34.15 -17.57
N VAL B 75 5.18 -33.56 -16.69
CA VAL B 75 6.08 -32.47 -17.06
C VAL B 75 7.36 -33.06 -17.62
N ARG B 76 7.56 -32.89 -18.93
CA ARG B 76 8.81 -33.25 -19.58
C ARG B 76 9.81 -32.10 -19.44
N GLU B 77 11.09 -32.39 -19.72
CA GLU B 77 12.15 -31.40 -19.63
C GLU B 77 12.71 -31.16 -21.02
N ASP B 78 11.88 -30.55 -21.89
CA ASP B 78 12.22 -30.35 -23.29
C ASP B 78 13.12 -29.12 -23.43
N ARG B 79 14.26 -29.30 -24.09
CA ARG B 79 15.24 -28.23 -24.29
C ARG B 79 14.67 -27.16 -25.21
N ARG B 80 13.89 -27.58 -26.23
CA ARG B 80 13.41 -26.68 -27.26
C ARG B 80 11.96 -26.28 -26.99
N ALA B 81 11.66 -25.93 -25.72
CA ALA B 81 10.37 -25.38 -25.36
C ALA B 81 10.59 -24.06 -24.62
N PRO B 82 9.57 -23.16 -24.55
CA PRO B 82 9.71 -21.92 -23.80
C PRO B 82 9.93 -22.16 -22.31
N GLY B 83 11.11 -21.75 -21.82
CA GLY B 83 11.44 -21.89 -20.40
C GLY B 83 12.18 -23.19 -20.10
N GLY B 84 12.20 -24.11 -21.06
CA GLY B 84 12.93 -25.37 -20.94
C GLY B 84 12.07 -26.50 -20.40
N PHE B 85 10.73 -26.33 -20.41
CA PHE B 85 9.81 -27.32 -19.88
C PHE B 85 8.50 -27.26 -20.65
N GLU B 86 7.78 -28.40 -20.64
CA GLU B 86 6.48 -28.51 -21.28
C GLU B 86 5.61 -29.48 -20.47
N LEU B 87 4.36 -29.65 -20.92
CA LEU B 87 3.44 -30.62 -20.33
C LEU B 87 2.98 -31.58 -21.42
N ALA B 88 3.21 -32.88 -21.21
CA ALA B 88 2.64 -33.91 -22.06
C ALA B 88 1.23 -34.23 -21.58
N VAL B 89 0.23 -33.81 -22.36
CA VAL B 89 -1.16 -33.85 -21.93
C VAL B 89 -1.66 -35.29 -21.98
N ARG B 90 -2.35 -35.71 -20.92
CA ARG B 90 -2.95 -37.03 -20.83
C ARG B 90 -4.47 -36.93 -20.79
N ASP B 91 -4.99 -35.87 -20.17
CA ASP B 91 -6.43 -35.60 -20.17
C ASP B 91 -6.65 -34.09 -20.12
N LEU B 92 -7.82 -33.66 -20.62
CA LEU B 92 -8.14 -32.25 -20.76
C LEU B 92 -9.63 -32.05 -20.50
N GLN B 93 -9.95 -31.00 -19.74
CA GLN B 93 -11.34 -30.67 -19.45
C GLN B 93 -11.56 -29.18 -19.72
N VAL B 94 -12.52 -28.89 -20.61
CA VAL B 94 -12.89 -27.53 -20.93
C VAL B 94 -13.80 -27.00 -19.82
N VAL B 95 -13.47 -25.81 -19.30
CA VAL B 95 -14.24 -25.17 -18.25
C VAL B 95 -15.15 -24.12 -18.87
N SER B 96 -14.66 -23.43 -19.90
CA SER B 96 -15.39 -22.31 -20.51
C SER B 96 -14.83 -22.01 -21.89
N ARG B 97 -15.74 -21.68 -22.82
CA ARG B 97 -15.39 -21.26 -24.16
C ARG B 97 -15.86 -19.81 -24.36
N PRO B 98 -15.07 -18.95 -25.05
CA PRO B 98 -15.46 -17.57 -25.30
C PRO B 98 -16.79 -17.43 -26.03
N GLN B 99 -17.65 -16.53 -25.50
CA GLN B 99 -18.85 -16.08 -26.19
C GLN B 99 -18.49 -14.93 -27.13
N GLY B 100 -18.20 -15.27 -28.39
CA GLY B 100 -17.83 -14.31 -29.41
C GLY B 100 -16.34 -14.39 -29.74
N GLU B 101 -15.89 -13.53 -30.65
CA GLU B 101 -14.48 -13.40 -30.98
C GLU B 101 -13.78 -12.70 -29.83
N TYR B 102 -12.66 -13.29 -29.37
CA TYR B 102 -11.84 -12.65 -28.36
C TYR B 102 -11.23 -11.38 -28.96
N PRO B 103 -11.50 -10.18 -28.37
CA PRO B 103 -11.11 -8.91 -28.99
C PRO B 103 -9.62 -8.77 -29.31
N ILE B 104 -8.76 -9.28 -28.43
CA ILE B 104 -7.32 -9.17 -28.60
C ILE B 104 -6.82 -10.42 -29.33
N GLY B 105 -7.09 -10.46 -30.64
CA GLY B 105 -6.71 -11.58 -31.48
C GLY B 105 -5.28 -11.43 -32.00
N PRO B 106 -4.84 -12.27 -32.95
CA PRO B 106 -3.47 -12.23 -33.46
C PRO B 106 -3.25 -11.15 -34.51
N LYS B 107 -3.48 -9.89 -34.12
CA LYS B 107 -3.31 -8.74 -35.01
C LYS B 107 -2.57 -7.65 -34.25
N GLU B 108 -1.97 -6.72 -34.99
CA GLU B 108 -1.46 -5.48 -34.39
C GLU B 108 -2.65 -4.66 -33.92
N HIS B 109 -2.67 -4.32 -32.63
CA HIS B 109 -3.71 -3.49 -32.06
C HIS B 109 -3.09 -2.14 -31.69
N GLY B 110 -3.87 -1.07 -31.87
CA GLY B 110 -3.47 0.25 -31.43
C GLY B 110 -3.56 0.35 -29.91
N ILE B 111 -2.81 1.28 -29.32
CA ILE B 111 -2.76 1.44 -27.87
C ILE B 111 -4.15 1.77 -27.34
N ASP B 112 -4.94 2.55 -28.09
CA ASP B 112 -6.26 2.96 -27.65
C ASP B 112 -7.17 1.73 -27.51
N PHE B 113 -7.14 0.84 -28.50
CA PHE B 113 -7.93 -0.37 -28.47
C PHE B 113 -7.52 -1.22 -27.27
N LEU B 114 -6.20 -1.34 -27.05
CA LEU B 114 -5.64 -2.18 -26.02
C LEU B 114 -6.04 -1.64 -24.64
N MET B 115 -5.99 -0.31 -24.49
CA MET B 115 -6.30 0.34 -23.22
C MET B 115 -7.81 0.28 -22.97
N ASP B 116 -8.61 0.30 -24.04
CA ASP B 116 -10.04 0.10 -23.92
C ASP B 116 -10.33 -1.30 -23.38
N HIS B 117 -9.50 -2.28 -23.76
CA HIS B 117 -9.67 -3.66 -23.36
C HIS B 117 -8.62 -4.06 -22.33
N ARG B 118 -8.24 -3.12 -21.46
CA ARG B 118 -7.15 -3.31 -20.51
C ARG B 118 -7.44 -4.50 -19.59
N HIS B 119 -8.71 -4.66 -19.22
CA HIS B 119 -9.13 -5.71 -18.30
C HIS B 119 -8.86 -7.10 -18.88
N LEU B 120 -8.74 -7.19 -20.21
CA LEU B 120 -8.35 -8.41 -20.88
C LEU B 120 -6.86 -8.39 -21.21
N TRP B 121 -6.37 -7.23 -21.64
CA TRP B 121 -5.00 -7.08 -22.12
C TRP B 121 -3.99 -7.42 -21.02
N LEU B 122 -4.38 -7.23 -19.74
CA LEU B 122 -3.51 -7.56 -18.63
C LEU B 122 -3.11 -9.03 -18.64
N ARG B 123 -3.94 -9.88 -19.27
CA ARG B 123 -3.70 -11.31 -19.33
C ARG B 123 -2.49 -11.62 -20.21
N HIS B 124 -2.13 -10.69 -21.10
CA HIS B 124 -1.11 -10.93 -22.12
C HIS B 124 0.29 -10.68 -21.56
N ARG B 125 1.29 -11.17 -22.31
CA ARG B 125 2.64 -11.41 -21.83
C ARG B 125 3.33 -10.13 -21.36
N ARG B 126 3.19 -9.03 -22.12
CA ARG B 126 3.96 -7.83 -21.82
C ARG B 126 3.39 -7.17 -20.57
N PRO B 127 2.07 -6.83 -20.51
CA PRO B 127 1.47 -6.36 -19.26
C PRO B 127 1.73 -7.29 -18.07
N PHE B 128 1.68 -8.60 -18.33
CA PHE B 128 1.94 -9.60 -17.32
C PHE B 128 3.29 -9.36 -16.65
N ALA B 129 4.32 -9.12 -17.47
CA ALA B 129 5.67 -8.91 -16.99
C ALA B 129 5.75 -7.61 -16.19
N VAL B 130 5.03 -6.57 -16.65
CA VAL B 130 5.09 -5.25 -16.05
C VAL B 130 4.49 -5.31 -14.63
N MET B 131 3.35 -5.98 -14.51
CA MET B 131 2.61 -6.04 -13.26
C MET B 131 3.34 -6.90 -12.24
N ARG B 132 4.15 -7.84 -12.72
CA ARG B 132 4.95 -8.69 -11.85
C ARG B 132 6.17 -7.91 -11.34
N ILE B 133 6.76 -7.10 -12.21
CA ILE B 133 7.86 -6.22 -11.82
C ILE B 133 7.32 -5.14 -10.87
N ARG B 134 6.06 -4.74 -11.07
CA ARG B 134 5.42 -3.78 -10.19
C ARG B 134 5.22 -4.39 -8.81
N ASP B 135 4.75 -5.65 -8.78
CA ASP B 135 4.55 -6.38 -7.54
C ASP B 135 5.87 -6.52 -6.77
N GLU B 136 6.92 -6.91 -7.50
CA GLU B 136 8.24 -7.11 -6.92
C GLU B 136 8.71 -5.85 -6.20
N LEU B 137 8.46 -4.68 -6.80
CA LEU B 137 8.91 -3.42 -6.24
C LEU B 137 8.09 -3.06 -4.99
N GLU B 138 6.79 -3.40 -5.00
CA GLU B 138 5.90 -3.07 -3.91
C GLU B 138 6.27 -3.90 -2.67
N ARG B 139 6.60 -5.18 -2.88
CA ARG B 139 7.09 -6.03 -1.81
C ARG B 139 8.48 -5.55 -1.36
N ALA B 140 9.35 -5.27 -2.33
CA ALA B 140 10.73 -4.90 -2.07
C ALA B 140 10.81 -3.63 -1.22
N ILE B 141 9.96 -2.66 -1.54
CA ILE B 141 9.91 -1.40 -0.82
C ILE B 141 9.62 -1.68 0.66
N HIS B 142 8.67 -2.59 0.93
CA HIS B 142 8.28 -2.92 2.29
C HIS B 142 9.43 -3.60 3.03
N GLU B 143 10.05 -4.61 2.39
CA GLU B 143 11.21 -5.28 2.97
C GLU B 143 12.32 -4.26 3.25
N PHE B 144 12.58 -3.38 2.27
CA PHE B 144 13.67 -2.42 2.38
C PHE B 144 13.53 -1.62 3.67
N PHE B 145 12.37 -0.98 3.84
CA PHE B 145 12.15 -0.05 4.94
C PHE B 145 11.92 -0.81 6.25
N GLY B 146 11.32 -2.01 6.14
CA GLY B 146 11.05 -2.86 7.28
C GLY B 146 12.33 -3.21 8.05
N GLU B 147 13.35 -3.64 7.31
CA GLU B 147 14.62 -4.06 7.92
C GLU B 147 15.41 -2.87 8.43
N ARG B 148 15.20 -1.69 7.85
CA ARG B 148 15.85 -0.47 8.32
C ARG B 148 15.11 0.08 9.55
N GLY B 149 13.96 -0.52 9.90
CA GLY B 149 13.24 -0.12 11.09
C GLY B 149 12.34 1.10 10.86
N PHE B 150 12.05 1.39 9.58
CA PHE B 150 11.10 2.42 9.23
C PHE B 150 9.68 1.89 9.45
N LEU B 151 8.76 2.82 9.71
CA LEU B 151 7.37 2.47 9.98
C LEU B 151 6.51 3.02 8.85
N ARG B 152 5.73 2.14 8.20
CA ARG B 152 4.78 2.58 7.20
C ARG B 152 3.74 3.46 7.87
N PHE B 153 3.52 4.64 7.30
CA PHE B 153 2.66 5.64 7.90
C PHE B 153 1.72 6.20 6.82
N ASP B 154 0.54 5.57 6.69
CA ASP B 154 -0.41 5.92 5.65
C ASP B 154 -0.94 7.33 5.91
N ALA B 155 -0.57 8.25 5.01
CA ALA B 155 -1.06 9.62 5.08
C ALA B 155 -2.50 9.65 4.58
N PRO B 156 -3.28 10.72 4.89
CA PRO B 156 -4.65 10.80 4.42
C PRO B 156 -4.75 11.21 2.94
N ILE B 157 -5.83 10.76 2.29
CA ILE B 157 -6.09 11.07 0.90
C ILE B 157 -7.00 12.30 0.84
N LEU B 158 -8.11 12.25 1.58
CA LEU B 158 -9.00 13.39 1.74
C LEU B 158 -8.31 14.44 2.61
N THR B 159 -8.14 15.65 2.05
CA THR B 159 -7.43 16.72 2.73
C THR B 159 -8.38 17.91 2.89
N PRO B 160 -8.35 18.61 4.05
CA PRO B 160 -9.39 19.56 4.42
C PRO B 160 -9.51 20.79 3.51
N SER B 161 -8.38 21.43 3.18
CA SER B 161 -8.44 22.70 2.46
C SER B 161 -7.21 22.89 1.58
N ALA B 162 -7.20 24.02 0.85
CA ALA B 162 -6.12 24.38 -0.04
C ALA B 162 -6.19 25.88 -0.36
N GLU B 168 -3.27 21.89 -10.21
CA GLU B 168 -4.34 22.14 -9.20
C GLU B 168 -4.72 20.83 -8.51
N LEU B 169 -5.70 20.90 -7.61
CA LEU B 169 -6.18 19.75 -6.87
C LEU B 169 -7.58 19.39 -7.36
N PHE B 170 -7.89 18.08 -7.31
CA PHE B 170 -9.26 17.62 -7.51
C PHE B 170 -10.04 17.85 -6.22
N GLU B 171 -11.22 18.46 -6.33
CA GLU B 171 -12.06 18.69 -5.14
C GLU B 171 -13.15 17.63 -5.09
N VAL B 172 -13.48 17.22 -3.86
CA VAL B 172 -14.43 16.16 -3.59
C VAL B 172 -15.64 16.78 -2.89
N GLU B 173 -16.85 16.50 -3.39
CA GLU B 173 -18.06 16.95 -2.74
C GLU B 173 -18.36 16.00 -1.58
N LEU B 174 -18.35 16.54 -0.35
CA LEU B 174 -18.63 15.77 0.84
C LEU B 174 -20.13 15.89 1.18
N PHE B 175 -20.43 16.53 2.32
CA PHE B 175 -21.77 16.56 2.86
C PHE B 175 -22.21 18.01 3.05
N ASP B 176 -23.46 18.29 2.67
CA ASP B 176 -24.10 19.57 2.94
C ASP B 176 -23.28 20.71 2.35
N GLY B 177 -22.73 20.51 1.15
CA GLY B 177 -22.04 21.56 0.42
C GLY B 177 -20.54 21.56 0.64
N GLU B 178 -20.09 21.12 1.83
CA GLU B 178 -18.69 21.16 2.23
C GLU B 178 -17.83 20.33 1.26
N LYS B 179 -16.55 20.69 1.19
CA LYS B 179 -15.65 20.12 0.19
C LYS B 179 -14.31 19.75 0.80
N ALA B 180 -13.69 18.71 0.23
CA ALA B 180 -12.33 18.31 0.52
C ALA B 180 -11.57 18.15 -0.79
N TYR B 181 -10.28 17.78 -0.70
CA TYR B 181 -9.43 17.70 -1.87
C TYR B 181 -8.61 16.41 -1.83
N LEU B 182 -8.27 15.89 -3.01
CA LEU B 182 -7.46 14.70 -3.13
C LEU B 182 -5.99 15.07 -2.93
N SER B 183 -5.33 14.34 -2.02
CA SER B 183 -3.93 14.55 -1.69
C SER B 183 -3.07 14.48 -2.95
N GLN B 184 -2.17 15.47 -3.09
CA GLN B 184 -1.16 15.47 -4.14
C GLN B 184 0.17 14.94 -3.59
N SER B 185 0.30 14.94 -2.26
CA SER B 185 1.49 14.46 -1.56
C SER B 185 1.17 14.33 -0.08
N GLY B 186 1.75 13.33 0.58
CA GLY B 186 1.49 13.09 1.98
C GLY B 186 2.63 13.55 2.89
N GLN B 187 3.55 14.36 2.34
CA GLN B 187 4.82 14.60 3.00
C GLN B 187 4.62 15.42 4.28
N LEU B 188 3.62 16.32 4.27
CA LEU B 188 3.38 17.17 5.42
C LEU B 188 2.97 16.31 6.61
N TYR B 189 2.12 15.30 6.35
CA TYR B 189 1.69 14.37 7.38
C TYR B 189 2.83 13.43 7.76
N ALA B 190 3.62 13.03 6.77
CA ALA B 190 4.77 12.17 7.00
C ALA B 190 5.74 12.82 7.99
N GLU B 191 5.86 14.16 7.90
CA GLU B 191 6.75 14.91 8.79
C GLU B 191 6.27 14.79 10.23
N ALA B 192 4.95 14.81 10.43
CA ALA B 192 4.39 14.56 11.75
C ALA B 192 4.78 13.16 12.21
N GLY B 193 4.64 12.19 11.30
CA GLY B 193 4.99 10.82 11.59
C GLY B 193 6.48 10.65 11.86
N ALA B 194 7.30 11.50 11.22
CA ALA B 194 8.74 11.45 11.37
C ALA B 194 9.16 11.85 12.79
N LEU B 195 8.51 12.89 13.32
CA LEU B 195 8.76 13.35 14.68
C LEU B 195 8.13 12.41 15.70
N ALA B 196 7.18 11.57 15.24
CA ALA B 196 6.51 10.60 16.09
C ALA B 196 7.26 9.27 16.10
N PHE B 197 7.82 8.85 14.96
CA PHE B 197 8.37 7.51 14.82
C PHE B 197 9.76 7.50 14.19
N ALA B 198 10.45 8.65 14.19
CA ALA B 198 11.86 8.73 13.80
C ALA B 198 12.04 8.58 12.29
N LYS B 199 11.58 7.45 11.75
CA LYS B 199 11.76 7.13 10.34
C LYS B 199 10.50 6.45 9.82
N VAL B 200 9.80 7.13 8.89
CA VAL B 200 8.53 6.65 8.38
C VAL B 200 8.55 6.72 6.86
N TYR B 201 7.50 6.18 6.24
CA TYR B 201 7.27 6.34 4.82
C TYR B 201 5.80 6.05 4.52
N THR B 202 5.19 6.90 3.69
CA THR B 202 3.84 6.64 3.18
C THR B 202 3.98 5.81 1.92
N PHE B 203 2.88 5.17 1.53
CA PHE B 203 2.85 4.33 0.35
C PHE B 203 1.39 4.18 -0.08
N GLY B 204 0.85 5.26 -0.63
CA GLY B 204 -0.54 5.30 -1.06
C GLY B 204 -0.70 6.11 -2.33
N PRO B 205 -1.94 6.25 -2.86
CA PRO B 205 -2.16 7.02 -4.09
C PRO B 205 -2.09 8.52 -3.86
N THR B 206 -1.78 9.25 -4.94
CA THR B 206 -1.81 10.70 -4.93
C THR B 206 -2.41 11.18 -6.25
N PHE B 207 -2.93 12.41 -6.24
CA PHE B 207 -3.78 12.88 -7.32
C PHE B 207 -3.40 14.32 -7.68
N ARG B 208 -3.05 14.51 -8.95
CA ARG B 208 -2.71 15.81 -9.51
C ARG B 208 -3.59 16.06 -10.72
N ALA B 209 -4.23 17.23 -10.74
CA ALA B 209 -5.05 17.64 -11.88
C ALA B 209 -4.15 18.28 -12.93
N GLU B 210 -3.32 17.45 -13.58
CA GLU B 210 -2.38 17.91 -14.59
C GLU B 210 -3.04 17.80 -15.96
N ARG B 211 -3.04 18.92 -16.69
CA ARG B 211 -3.70 19.01 -17.99
C ARG B 211 -2.81 18.43 -19.08
N SER B 212 -1.55 18.12 -18.75
CA SER B 212 -0.61 17.50 -19.68
C SER B 212 -1.15 16.15 -20.15
N LYS B 213 -0.68 15.71 -21.33
CA LYS B 213 -0.94 14.37 -21.83
C LYS B 213 0.40 13.73 -22.20
N THR B 214 1.41 13.97 -21.35
CA THR B 214 2.77 13.53 -21.62
C THR B 214 2.93 12.08 -21.17
N ARG B 215 4.11 11.52 -21.44
CA ARG B 215 4.37 10.12 -21.22
C ARG B 215 4.71 9.83 -19.75
N ARG B 216 4.65 10.86 -18.89
CA ARG B 216 5.08 10.68 -17.51
C ARG B 216 4.11 11.33 -16.54
N HIS B 217 2.85 11.49 -16.93
CA HIS B 217 1.85 12.11 -16.06
C HIS B 217 0.58 11.27 -16.04
N LEU B 218 0.14 10.92 -14.82
CA LEU B 218 -1.18 10.39 -14.57
C LEU B 218 -1.93 11.35 -13.65
N LEU B 219 -3.27 11.25 -13.66
CA LEU B 219 -4.09 11.97 -12.71
C LEU B 219 -4.06 11.25 -11.36
N GLU B 220 -3.82 9.94 -11.41
CA GLU B 220 -3.78 9.08 -10.24
C GLU B 220 -2.55 8.17 -10.33
N PHE B 221 -1.71 8.20 -9.29
CA PHE B 221 -0.49 7.42 -9.26
C PHE B 221 -0.10 7.19 -7.80
N TRP B 222 0.92 6.36 -7.59
CA TRP B 222 1.33 5.94 -6.27
C TRP B 222 2.72 6.51 -5.94
N MET B 223 2.87 7.01 -4.71
CA MET B 223 4.09 7.68 -4.31
C MET B 223 4.54 7.15 -2.96
N VAL B 224 5.78 6.63 -2.92
CA VAL B 224 6.44 6.22 -1.69
C VAL B 224 7.19 7.42 -1.14
N GLU B 225 6.85 7.83 0.09
CA GLU B 225 7.34 9.10 0.62
C GLU B 225 8.01 8.89 1.98
N PRO B 226 9.31 8.50 2.01
CA PRO B 226 10.03 8.39 3.27
C PRO B 226 10.36 9.74 3.91
N GLU B 227 10.41 9.75 5.24
CA GLU B 227 10.74 10.94 6.02
C GLU B 227 11.41 10.49 7.31
N VAL B 228 12.54 11.13 7.65
CA VAL B 228 13.36 10.69 8.76
C VAL B 228 13.76 11.90 9.62
N ALA B 229 13.68 11.71 10.94
CA ALA B 229 14.04 12.76 11.88
C ALA B 229 15.56 12.82 12.04
N PHE B 230 16.08 14.04 12.15
CA PHE B 230 17.50 14.32 12.38
C PHE B 230 18.31 14.11 11.09
N MET B 231 17.64 13.75 9.98
CA MET B 231 18.34 13.39 8.75
C MET B 231 18.58 14.66 7.93
N THR B 232 19.79 14.77 7.37
CA THR B 232 20.22 15.96 6.65
C THR B 232 20.00 15.75 5.14
N HIS B 233 20.33 16.80 4.37
CA HIS B 233 20.18 16.80 2.93
C HIS B 233 21.15 15.81 2.28
N GLU B 234 22.38 15.74 2.81
CA GLU B 234 23.39 14.82 2.29
C GLU B 234 22.96 13.38 2.53
N GLU B 235 22.39 13.13 3.72
CA GLU B 235 21.93 11.81 4.10
C GLU B 235 20.70 11.43 3.28
N ASN B 236 19.88 12.43 2.96
CA ASN B 236 18.65 12.22 2.19
C ASN B 236 19.00 11.55 0.86
N MET B 237 19.98 12.12 0.14
CA MET B 237 20.37 11.63 -1.17
C MET B 237 20.94 10.22 -1.06
N ALA B 238 21.69 9.94 0.02
CA ALA B 238 22.30 8.64 0.21
C ALA B 238 21.24 7.56 0.34
N LEU B 239 20.18 7.87 1.09
CA LEU B 239 19.06 6.96 1.31
C LEU B 239 18.32 6.72 -0.01
N GLN B 240 18.13 7.80 -0.78
CA GLN B 240 17.51 7.73 -2.10
C GLN B 240 18.31 6.79 -3.00
N GLU B 241 19.63 6.95 -2.99
CA GLU B 241 20.52 6.11 -3.78
C GLU B 241 20.39 4.66 -3.32
N GLU B 242 20.32 4.48 -1.99
CA GLU B 242 20.29 3.16 -1.38
C GLU B 242 19.02 2.42 -1.83
N LEU B 243 17.89 3.12 -1.83
CA LEU B 243 16.61 2.54 -2.18
C LEU B 243 16.60 2.11 -3.65
N VAL B 244 16.87 3.07 -4.54
CA VAL B 244 16.69 2.86 -5.97
C VAL B 244 17.63 1.76 -6.47
N SER B 245 18.85 1.71 -5.91
CA SER B 245 19.83 0.72 -6.30
C SER B 245 19.44 -0.67 -5.79
N PHE B 246 18.81 -0.72 -4.60
CA PHE B 246 18.32 -1.96 -4.03
C PHE B 246 17.17 -2.51 -4.87
N LEU B 247 16.25 -1.61 -5.27
CA LEU B 247 15.07 -1.99 -6.01
C LEU B 247 15.45 -2.55 -7.37
N VAL B 248 16.39 -1.90 -8.06
CA VAL B 248 16.78 -2.31 -9.40
C VAL B 248 17.51 -3.65 -9.32
N ALA B 249 18.33 -3.82 -8.28
CA ALA B 249 19.04 -5.07 -8.04
C ALA B 249 18.05 -6.21 -7.84
N ARG B 250 16.97 -5.94 -7.09
CA ARG B 250 15.97 -6.93 -6.75
C ARG B 250 15.25 -7.42 -8.01
N VAL B 251 14.98 -6.48 -8.94
CA VAL B 251 14.31 -6.81 -10.19
C VAL B 251 15.24 -7.65 -11.07
N LEU B 252 16.53 -7.28 -11.15
CA LEU B 252 17.51 -8.02 -11.93
C LEU B 252 17.65 -9.44 -11.39
N GLU B 253 17.55 -9.56 -10.05
CA GLU B 253 17.80 -10.82 -9.36
C GLU B 253 16.62 -11.79 -9.56
N ARG B 254 15.40 -11.27 -9.45
CA ARG B 254 14.23 -12.11 -9.30
C ARG B 254 13.22 -11.98 -10.44
N ARG B 255 13.40 -11.00 -11.32
CA ARG B 255 12.46 -10.78 -12.41
C ARG B 255 13.21 -10.63 -13.74
N SER B 256 14.30 -11.39 -13.90
CA SER B 256 15.09 -11.35 -15.12
C SER B 256 14.30 -11.94 -16.29
N ARG B 257 13.46 -12.94 -15.99
CA ARG B 257 12.60 -13.57 -16.98
C ARG B 257 11.59 -12.55 -17.50
N GLU B 258 11.11 -11.69 -16.62
CA GLU B 258 10.12 -10.67 -16.98
C GLU B 258 10.78 -9.59 -17.85
N LEU B 259 12.01 -9.21 -17.49
CA LEU B 259 12.76 -8.24 -18.27
C LEU B 259 12.97 -8.76 -19.69
N GLU B 260 13.24 -10.07 -19.81
CA GLU B 260 13.49 -10.69 -21.10
C GLU B 260 12.22 -10.67 -21.95
N MET B 261 11.06 -10.90 -21.32
CA MET B 261 9.78 -10.85 -21.99
C MET B 261 9.52 -9.45 -22.54
N LEU B 262 10.02 -8.42 -21.84
CA LEU B 262 9.83 -7.04 -22.24
C LEU B 262 10.93 -6.60 -23.22
N GLY B 263 11.95 -7.45 -23.43
CA GLY B 263 13.04 -7.12 -24.33
C GLY B 263 13.97 -6.06 -23.72
N ARG B 264 14.01 -6.00 -22.39
CA ARG B 264 14.80 -5.02 -21.67
C ARG B 264 16.20 -5.58 -21.47
N ASP B 265 17.21 -4.79 -21.88
CA ASP B 265 18.61 -5.17 -21.75
C ASP B 265 19.01 -5.06 -20.29
N PRO B 266 19.34 -6.17 -19.60
CA PRO B 266 19.79 -6.10 -18.21
C PRO B 266 20.95 -5.13 -18.00
N LYS B 267 21.84 -5.03 -19.00
CA LYS B 267 23.06 -4.24 -18.89
C LYS B 267 22.74 -2.74 -18.85
N ALA B 268 21.53 -2.35 -19.25
CA ALA B 268 21.07 -0.98 -19.07
C ALA B 268 20.85 -0.67 -17.59
N LEU B 269 20.43 -1.69 -16.81
CA LEU B 269 20.01 -1.49 -15.42
C LEU B 269 21.15 -1.78 -14.45
N GLU B 270 22.07 -2.69 -14.80
CA GLU B 270 23.11 -3.14 -13.90
C GLU B 270 23.80 -1.96 -13.20
N PRO B 271 24.27 -0.91 -13.93
CA PRO B 271 24.90 0.24 -13.27
C PRO B 271 24.04 0.92 -12.21
N ALA B 272 22.73 0.98 -12.44
CA ALA B 272 21.81 1.60 -11.49
C ALA B 272 21.73 0.78 -10.20
N ALA B 273 21.88 -0.54 -10.31
CA ALA B 273 21.83 -1.44 -9.18
C ALA B 273 23.10 -1.33 -8.32
N GLU B 274 24.20 -0.87 -8.93
CA GLU B 274 25.50 -0.87 -8.28
C GLU B 274 25.76 0.43 -7.53
N GLY B 275 24.88 1.42 -7.68
CA GLY B 275 25.00 2.67 -6.95
C GLY B 275 26.07 3.59 -7.53
N HIS B 276 26.63 4.45 -6.68
CA HIS B 276 27.64 5.43 -7.06
C HIS B 276 27.06 6.43 -8.05
N TYR B 277 25.88 6.95 -7.72
CA TYR B 277 25.15 7.85 -8.59
C TYR B 277 25.92 9.17 -8.72
N PRO B 278 26.06 9.73 -9.94
CA PRO B 278 26.63 11.06 -10.10
C PRO B 278 25.77 12.15 -9.45
N ARG B 279 26.43 13.25 -9.08
N ARG B 279 26.43 13.24 -9.06
CA ARG B 279 25.79 14.34 -8.37
CA ARG B 279 25.75 14.33 -8.39
C ARG B 279 26.13 15.66 -9.06
C ARG B 279 26.12 15.63 -9.09
N LEU B 280 25.09 16.38 -9.52
CA LEU B 280 25.25 17.71 -10.09
C LEU B 280 24.56 18.72 -9.16
N THR B 281 25.04 19.96 -9.19
CA THR B 281 24.27 21.06 -8.61
C THR B 281 23.35 21.57 -9.70
N TYR B 282 22.35 22.38 -9.32
CA TYR B 282 21.48 23.02 -10.27
C TYR B 282 22.32 23.80 -11.27
N LYS B 283 23.32 24.54 -10.75
CA LYS B 283 24.18 25.39 -11.56
C LYS B 283 24.93 24.54 -12.58
N GLU B 284 25.57 23.46 -12.11
CA GLU B 284 26.36 22.58 -12.97
C GLU B 284 25.46 21.90 -14.00
N ALA B 285 24.24 21.54 -13.58
CA ALA B 285 23.29 20.84 -14.44
C ALA B 285 22.82 21.77 -15.56
N VAL B 286 22.59 23.05 -15.24
CA VAL B 286 22.13 24.03 -16.22
C VAL B 286 23.23 24.26 -17.25
N ALA B 287 24.47 24.39 -16.79
CA ALA B 287 25.64 24.53 -17.64
C ALA B 287 25.73 23.36 -18.62
N LEU B 288 25.55 22.14 -18.11
CA LEU B 288 25.68 20.93 -18.91
C LEU B 288 24.56 20.86 -19.94
N VAL B 289 23.35 21.32 -19.56
CA VAL B 289 22.21 21.33 -20.47
C VAL B 289 22.49 22.31 -21.60
N ASN B 290 22.99 23.50 -21.25
CA ASN B 290 23.29 24.54 -22.23
C ASN B 290 24.45 24.10 -23.13
N ARG B 291 25.35 23.27 -22.60
CA ARG B 291 26.44 22.73 -23.39
C ARG B 291 25.89 21.73 -24.40
N ILE B 292 24.94 20.89 -23.96
CA ILE B 292 24.28 19.93 -24.85
C ILE B 292 23.47 20.70 -25.89
N ALA B 293 22.78 21.76 -25.44
CA ALA B 293 21.87 22.52 -26.28
C ALA B 293 22.59 23.10 -27.50
N GLN B 294 23.85 23.52 -27.30
CA GLN B 294 24.66 24.05 -28.38
C GLN B 294 25.03 22.95 -29.36
N GLU B 295 25.37 21.77 -28.83
CA GLU B 295 25.78 20.62 -29.62
C GLU B 295 24.61 20.10 -30.45
N ASP B 296 23.41 20.05 -29.86
CA ASP B 296 22.23 19.48 -30.50
C ASP B 296 21.09 20.51 -30.48
N PRO B 297 20.73 21.12 -31.64
CA PRO B 297 19.64 22.08 -31.71
C PRO B 297 18.28 21.61 -31.20
N GLU B 298 18.04 20.29 -31.20
CA GLU B 298 16.77 19.74 -30.74
C GLU B 298 16.63 19.88 -29.22
N VAL B 299 17.76 19.79 -28.52
CA VAL B 299 17.76 19.98 -27.07
C VAL B 299 17.68 21.48 -26.79
N PRO B 300 16.59 21.99 -26.15
CA PRO B 300 16.48 23.40 -25.86
C PRO B 300 17.43 23.88 -24.76
N PRO B 301 17.86 25.15 -24.79
CA PRO B 301 18.66 25.73 -23.71
C PRO B 301 17.84 26.10 -22.48
N LEU B 302 18.53 26.21 -21.34
CA LEU B 302 17.90 26.53 -20.07
C LEU B 302 18.57 27.78 -19.48
N PRO B 303 17.89 28.95 -19.48
CA PRO B 303 18.39 30.12 -18.76
C PRO B 303 18.45 29.89 -17.25
N TYR B 304 19.59 30.26 -16.63
CA TYR B 304 19.77 30.06 -15.20
C TYR B 304 18.62 30.75 -14.47
N GLY B 305 17.95 30.00 -13.57
CA GLY B 305 16.83 30.53 -12.82
C GLY B 305 15.51 29.87 -13.22
N GLU B 306 15.42 29.43 -14.48
CA GLU B 306 14.26 28.71 -14.96
C GLU B 306 14.31 27.26 -14.48
N ASP B 307 13.12 26.65 -14.36
CA ASP B 307 13.02 25.27 -13.89
C ASP B 307 13.31 24.35 -15.07
N PHE B 308 13.67 23.10 -14.75
CA PHE B 308 13.95 22.08 -15.75
C PHE B 308 12.63 21.57 -16.33
N GLY B 309 12.45 21.77 -17.63
CA GLY B 309 11.45 21.05 -18.40
C GLY B 309 11.90 19.62 -18.69
N ALA B 310 10.95 18.81 -19.17
CA ALA B 310 11.16 17.39 -19.40
C ALA B 310 12.28 17.14 -20.41
N PRO B 311 12.36 17.86 -21.55
CA PRO B 311 13.46 17.68 -22.50
C PRO B 311 14.84 18.02 -21.93
N HIS B 312 14.90 18.96 -20.97
CA HIS B 312 16.16 19.26 -20.29
C HIS B 312 16.60 18.04 -19.49
N GLU B 313 15.67 17.48 -18.70
CA GLU B 313 15.94 16.32 -17.86
C GLU B 313 16.33 15.12 -18.73
N ALA B 314 15.60 14.95 -19.85
CA ALA B 314 15.84 13.84 -20.76
C ALA B 314 17.28 13.85 -21.25
N ALA B 315 17.71 15.01 -21.77
CA ALA B 315 19.03 15.15 -22.37
C ALA B 315 20.11 15.01 -21.30
N LEU B 316 19.85 15.54 -20.11
CA LEU B 316 20.80 15.51 -19.01
C LEU B 316 21.04 14.06 -18.56
N SER B 317 19.96 13.27 -18.55
CA SER B 317 19.99 11.91 -18.02
C SER B 317 20.70 10.94 -18.96
N ARG B 318 20.72 11.27 -20.26
CA ARG B 318 21.34 10.42 -21.27
C ARG B 318 22.86 10.53 -21.22
N ARG B 319 23.39 11.51 -20.47
CA ARG B 319 24.82 11.72 -20.39
C ARG B 319 25.47 10.80 -19.36
N PHE B 320 24.65 10.03 -18.63
CA PHE B 320 25.15 9.13 -17.60
C PHE B 320 24.54 7.74 -17.79
N ASP B 321 25.17 6.74 -17.16
CA ASP B 321 24.79 5.34 -17.30
C ASP B 321 23.88 4.90 -16.17
N ARG B 322 23.60 5.80 -15.22
CA ARG B 322 22.79 5.49 -14.06
C ARG B 322 22.13 6.77 -13.56
N PRO B 323 21.18 6.69 -12.59
CA PRO B 323 20.51 7.88 -12.08
C PRO B 323 21.48 8.98 -11.64
N VAL B 324 21.08 10.24 -11.84
CA VAL B 324 21.93 11.38 -11.52
C VAL B 324 21.16 12.32 -10.58
N PHE B 325 21.84 12.78 -9.52
CA PHE B 325 21.26 13.74 -8.60
C PHE B 325 21.52 15.15 -9.12
N VAL B 326 20.47 15.99 -9.05
CA VAL B 326 20.59 17.43 -9.24
C VAL B 326 20.14 18.09 -7.95
N GLU B 327 21.00 18.92 -7.33
CA GLU B 327 20.74 19.45 -6.00
C GLU B 327 20.89 20.98 -5.98
N ARG B 328 20.32 21.59 -4.93
CA ARG B 328 20.49 23.01 -4.63
C ARG B 328 19.94 23.87 -5.77
N TYR B 329 18.62 23.78 -5.97
CA TYR B 329 17.92 24.62 -6.93
C TYR B 329 17.74 26.01 -6.29
N PRO B 330 17.38 27.05 -7.07
CA PRO B 330 17.03 28.34 -6.48
C PRO B 330 15.76 28.26 -5.63
N ALA B 331 15.75 29.00 -4.53
CA ALA B 331 14.62 29.02 -3.61
C ALA B 331 13.36 29.51 -4.32
N ARG B 332 13.53 30.50 -5.20
CA ARG B 332 12.40 31.21 -5.80
C ARG B 332 11.51 30.30 -6.65
N ILE B 333 12.04 29.15 -7.10
CA ILE B 333 11.26 28.24 -7.94
C ILE B 333 10.98 26.93 -7.21
N LYS B 334 11.03 26.94 -5.87
CA LYS B 334 10.81 25.75 -5.08
C LYS B 334 9.82 26.05 -3.96
N ALA B 335 9.46 25.01 -3.19
CA ALA B 335 8.41 25.11 -2.19
C ALA B 335 8.91 25.83 -0.94
N PHE B 336 7.95 26.28 -0.13
CA PHE B 336 8.20 27.11 1.05
C PHE B 336 8.90 26.31 2.15
N TYR B 337 8.63 25.00 2.22
CA TYR B 337 9.04 24.20 3.36
C TYR B 337 10.51 23.82 3.27
N MET B 338 11.17 24.13 2.14
CA MET B 338 12.53 23.67 1.90
C MET B 338 13.52 24.52 2.69
N GLU B 339 14.49 23.85 3.32
CA GLU B 339 15.50 24.50 4.14
C GLU B 339 16.49 25.23 3.24
N PRO B 340 16.80 26.51 3.48
CA PRO B 340 17.76 27.24 2.67
C PRO B 340 19.20 26.79 2.90
N ASP B 341 20.05 27.01 1.89
CA ASP B 341 21.45 26.63 1.94
C ASP B 341 22.18 27.59 2.87
N PRO B 342 22.87 27.09 3.93
CA PRO B 342 23.64 27.93 4.83
C PRO B 342 24.60 28.90 4.11
N GLU B 343 25.33 28.38 3.11
CA GLU B 343 26.32 29.16 2.39
C GLU B 343 25.63 30.18 1.48
N ASP B 344 24.67 29.73 0.67
CA ASP B 344 24.04 30.58 -0.32
C ASP B 344 22.55 30.71 0.01
N PRO B 345 22.09 31.90 0.50
CA PRO B 345 20.67 32.11 0.79
C PRO B 345 19.71 31.84 -0.36
N GLU B 346 20.19 32.02 -1.60
CA GLU B 346 19.34 31.91 -2.78
C GLU B 346 19.01 30.45 -3.10
N LEU B 347 19.82 29.51 -2.59
CA LEU B 347 19.63 28.09 -2.89
C LEU B 347 18.95 27.40 -1.70
N VAL B 348 18.33 26.26 -1.98
CA VAL B 348 17.69 25.44 -0.96
C VAL B 348 18.29 24.03 -1.02
N LEU B 349 18.38 23.38 0.15
CA LEU B 349 18.92 22.05 0.25
C LEU B 349 17.88 21.04 -0.24
N ASN B 350 17.81 20.88 -1.57
CA ASN B 350 16.86 19.98 -2.21
C ASN B 350 17.57 19.16 -3.28
N ASP B 351 16.90 18.11 -3.76
CA ASP B 351 17.47 17.24 -4.79
C ASP B 351 16.36 16.56 -5.60
N ASP B 352 16.63 16.37 -6.89
CA ASP B 352 15.85 15.48 -7.74
C ASP B 352 16.78 14.38 -8.26
N LEU B 353 16.26 13.16 -8.37
CA LEU B 353 16.99 12.05 -8.97
C LEU B 353 16.41 11.77 -10.35
N LEU B 354 17.23 11.92 -11.39
CA LEU B 354 16.83 11.65 -12.75
C LEU B 354 17.27 10.23 -13.14
N ALA B 355 16.32 9.40 -13.58
CA ALA B 355 16.64 8.10 -14.14
C ALA B 355 17.24 8.29 -15.54
N PRO B 356 18.15 7.40 -15.98
CA PRO B 356 18.80 7.54 -17.28
C PRO B 356 17.90 7.20 -18.47
N GLU B 357 18.49 7.26 -19.67
CA GLU B 357 17.83 6.89 -20.92
C GLU B 357 16.66 7.83 -21.21
N GLY B 358 16.75 9.06 -20.72
CA GLY B 358 15.78 10.11 -21.05
C GLY B 358 14.55 10.09 -20.14
N TYR B 359 14.55 9.23 -19.11
CA TYR B 359 13.36 9.02 -18.28
C TYR B 359 13.16 10.19 -17.32
N GLY B 360 14.25 10.78 -16.82
CA GLY B 360 14.17 11.96 -15.97
C GLY B 360 13.66 11.62 -14.57
N GLU B 361 13.10 12.64 -13.90
CA GLU B 361 12.80 12.61 -12.48
C GLU B 361 12.03 11.34 -12.09
N ILE B 362 12.58 10.59 -11.11
CA ILE B 362 11.84 9.50 -10.47
C ILE B 362 11.64 9.81 -8.98
N ILE B 363 12.58 10.55 -8.37
CA ILE B 363 12.45 10.97 -6.99
C ILE B 363 12.58 12.49 -6.92
N GLY B 364 11.86 13.09 -5.96
CA GLY B 364 12.02 14.49 -5.60
C GLY B 364 11.93 14.67 -4.09
N GLY B 365 12.95 15.30 -3.50
CA GLY B 365 13.01 15.47 -2.05
C GLY B 365 13.79 16.73 -1.65
N SER B 366 13.79 17.02 -0.34
CA SER B 366 14.55 18.14 0.22
C SER B 366 14.70 17.95 1.72
N GLN B 367 15.56 18.79 2.32
CA GLN B 367 15.55 19.00 3.76
C GLN B 367 14.42 19.99 4.07
N ARG B 368 13.88 19.90 5.29
CA ARG B 368 12.76 20.73 5.69
C ARG B 368 13.22 21.76 6.71
N ILE B 369 12.52 22.89 6.75
CA ILE B 369 12.79 23.95 7.72
C ILE B 369 12.36 23.45 9.10
N HIS B 370 13.25 23.66 10.08
CA HIS B 370 13.00 23.25 11.46
C HIS B 370 12.85 24.47 12.37
N ASP B 371 13.14 25.67 11.84
CA ASP B 371 13.03 26.90 12.61
C ASP B 371 11.60 27.46 12.45
N LEU B 372 10.95 27.74 13.58
CA LEU B 372 9.56 28.15 13.59
C LEU B 372 9.37 29.47 12.85
N GLU B 373 10.16 30.49 13.22
CA GLU B 373 9.95 31.83 12.71
C GLU B 373 10.34 31.91 11.24
N LEU B 374 11.34 31.13 10.82
CA LEU B 374 11.77 31.08 9.43
C LEU B 374 10.66 30.51 8.56
N LEU B 375 10.06 29.40 9.02
CA LEU B 375 8.96 28.75 8.29
C LEU B 375 7.76 29.69 8.24
N ARG B 376 7.47 30.33 9.38
CA ARG B 376 6.40 31.29 9.50
C ARG B 376 6.62 32.44 8.52
N ARG B 377 7.89 32.88 8.42
CA ARG B 377 8.28 33.97 7.55
C ARG B 377 8.10 33.58 6.08
N LYS B 378 8.43 32.33 5.74
CA LYS B 378 8.36 31.87 4.35
C LYS B 378 6.92 31.58 3.94
N ILE B 379 6.05 31.23 4.89
CA ILE B 379 4.64 31.01 4.60
C ILE B 379 4.03 32.29 4.03
N GLN B 380 4.31 33.43 4.70
CA GLN B 380 3.75 34.71 4.27
C GLN B 380 4.42 35.21 3.00
N GLU B 381 5.73 34.91 2.83
CA GLU B 381 6.46 35.31 1.64
C GLU B 381 5.87 34.67 0.39
N PHE B 382 5.46 33.40 0.50
CA PHE B 382 4.86 32.66 -0.59
C PHE B 382 3.38 33.01 -0.72
N GLY B 383 2.86 33.81 0.23
CA GLY B 383 1.50 34.30 0.17
C GLY B 383 0.49 33.19 0.48
N LEU B 384 0.80 32.40 1.53
CA LEU B 384 -0.02 31.26 1.91
C LEU B 384 -0.73 31.59 3.21
N PRO B 385 -1.98 31.11 3.41
CA PRO B 385 -2.68 31.32 4.68
C PRO B 385 -2.07 30.52 5.84
N GLU B 386 -1.63 31.24 6.88
CA GLU B 386 -0.97 30.62 8.03
C GLU B 386 -1.96 29.75 8.79
N GLU B 387 -3.26 29.96 8.58
CA GLU B 387 -4.30 29.26 9.33
C GLU B 387 -4.26 27.77 9.01
N VAL B 388 -4.12 27.44 7.72
CA VAL B 388 -4.27 26.07 7.25
C VAL B 388 -3.02 25.26 7.56
N TYR B 389 -1.88 25.94 7.79
CA TYR B 389 -0.62 25.28 8.07
C TYR B 389 -0.27 25.41 9.56
N ASP B 390 -1.28 25.56 10.42
CA ASP B 390 -1.04 25.82 11.83
C ASP B 390 -0.58 24.54 12.51
N TRP B 391 -1.21 23.42 12.16
CA TRP B 391 -0.79 22.10 12.66
C TRP B 391 0.60 21.77 12.15
N TYR B 392 0.92 22.21 10.93
CA TYR B 392 2.24 22.02 10.36
C TYR B 392 3.27 22.81 11.17
N LEU B 393 2.87 24.00 11.62
CA LEU B 393 3.72 24.87 12.42
C LEU B 393 3.93 24.29 13.82
N ASP B 394 2.97 23.50 14.32
CA ASP B 394 3.11 22.85 15.62
C ASP B 394 4.32 21.92 15.62
N LEU B 395 4.67 21.39 14.44
CA LEU B 395 5.82 20.51 14.31
C LEU B 395 7.12 21.30 14.46
N ARG B 396 7.04 22.62 14.35
CA ARG B 396 8.18 23.50 14.59
C ARG B 396 8.10 24.10 16.00
N ARG B 397 6.88 24.31 16.51
CA ARG B 397 6.68 24.82 17.86
C ARG B 397 7.15 23.79 18.89
N PHE B 398 6.75 22.53 18.70
CA PHE B 398 6.97 21.50 19.71
C PHE B 398 7.86 20.38 19.14
N GLY B 399 9.08 20.29 19.67
CA GLY B 399 9.96 19.17 19.39
C GLY B 399 10.52 19.20 17.97
N SER B 400 10.83 20.41 17.48
CA SER B 400 11.36 20.57 16.14
C SER B 400 12.78 20.01 16.08
N VAL B 401 13.08 19.31 14.98
CA VAL B 401 14.44 18.86 14.69
C VAL B 401 14.67 18.99 13.20
N PRO B 402 15.93 19.08 12.72
CA PRO B 402 16.20 18.94 11.30
C PRO B 402 15.71 17.59 10.80
N HIS B 403 15.03 17.61 9.65
CA HIS B 403 14.48 16.39 9.08
C HIS B 403 14.42 16.54 7.56
N SER B 404 14.52 15.40 6.86
CA SER B 404 14.50 15.38 5.41
C SER B 404 13.63 14.21 4.94
N GLY B 405 13.29 14.23 3.65
CA GLY B 405 12.50 13.18 3.04
C GLY B 405 12.38 13.36 1.53
N PHE B 406 11.70 12.41 0.87
CA PHE B 406 11.55 12.44 -0.57
C PHE B 406 10.29 11.69 -0.97
N GLY B 407 9.93 11.82 -2.25
CA GLY B 407 8.82 11.10 -2.85
C GLY B 407 9.29 10.35 -4.09
N LEU B 408 9.09 9.03 -4.10
CA LEU B 408 9.43 8.18 -5.23
C LEU B 408 8.15 7.82 -5.98
N GLY B 409 8.09 8.16 -7.26
CA GLY B 409 6.97 7.78 -8.11
C GLY B 409 7.11 6.32 -8.56
N LEU B 410 6.13 5.50 -8.22
CA LEU B 410 6.20 4.07 -8.49
C LEU B 410 6.08 3.81 -9.98
N GLU B 411 5.15 4.52 -10.63
CA GLU B 411 4.83 4.26 -12.03
C GLU B 411 6.00 4.69 -12.91
N ARG B 412 6.63 5.81 -12.54
CA ARG B 412 7.82 6.31 -13.22
C ARG B 412 8.94 5.26 -13.14
N THR B 413 9.19 4.77 -11.93
CA THR B 413 10.26 3.81 -11.69
C THR B 413 9.97 2.50 -12.42
N VAL B 414 8.69 2.09 -12.44
CA VAL B 414 8.29 0.89 -13.16
C VAL B 414 8.50 1.10 -14.66
N ALA B 415 8.06 2.27 -15.16
CA ALA B 415 8.20 2.59 -16.57
C ALA B 415 9.67 2.57 -16.99
N TRP B 416 10.53 3.18 -16.18
CA TRP B 416 11.96 3.23 -16.46
C TRP B 416 12.53 1.80 -16.53
N ILE B 417 12.28 1.02 -15.47
CA ILE B 417 12.88 -0.30 -15.33
C ILE B 417 12.37 -1.23 -16.44
N CYS B 418 11.09 -1.09 -16.80
CA CYS B 418 10.47 -1.95 -17.81
C CYS B 418 10.71 -1.40 -19.22
N GLY B 419 11.21 -0.16 -19.32
CA GLY B 419 11.55 0.44 -20.59
C GLY B 419 10.31 0.81 -21.40
N LEU B 420 9.26 1.26 -20.70
CA LEU B 420 7.97 1.56 -21.30
C LEU B 420 7.98 2.96 -21.90
N ALA B 421 7.09 3.17 -22.87
CA ALA B 421 6.97 4.44 -23.58
C ALA B 421 6.06 5.40 -22.83
N HIS B 422 5.19 4.88 -21.96
CA HIS B 422 4.23 5.71 -21.23
C HIS B 422 3.96 5.08 -19.86
N VAL B 423 3.77 5.92 -18.85
CA VAL B 423 3.57 5.48 -17.47
C VAL B 423 2.23 4.77 -17.32
N ARG B 424 1.28 5.07 -18.20
CA ARG B 424 -0.05 4.47 -18.14
C ARG B 424 0.04 2.95 -18.22
N GLU B 425 1.07 2.42 -18.88
CA GLU B 425 1.26 0.99 -19.04
C GLU B 425 1.80 0.35 -17.76
N ALA B 426 2.16 1.16 -16.76
CA ALA B 426 2.84 0.68 -15.57
C ALA B 426 1.90 0.56 -14.37
N ILE B 427 0.58 0.69 -14.61
CA ILE B 427 -0.41 0.59 -13.54
C ILE B 427 -1.61 -0.18 -14.09
N PRO B 428 -2.27 -1.06 -13.28
CA PRO B 428 -3.38 -1.86 -13.77
C PRO B 428 -4.39 -1.11 -14.63
N PHE B 429 -4.97 -0.02 -14.09
CA PHE B 429 -6.00 0.72 -14.78
C PHE B 429 -5.71 2.21 -14.69
N PRO B 430 -4.96 2.78 -15.67
CA PRO B 430 -4.51 4.17 -15.61
C PRO B 430 -5.65 5.18 -15.70
N ARG B 431 -5.38 6.40 -15.19
CA ARG B 431 -6.34 7.49 -15.21
C ARG B 431 -5.65 8.76 -15.70
N MET B 432 -5.99 9.18 -16.92
CA MET B 432 -5.40 10.35 -17.57
C MET B 432 -6.51 11.32 -17.95
N TYR B 433 -6.13 12.40 -18.64
CA TYR B 433 -7.05 13.44 -19.07
C TYR B 433 -8.20 12.83 -19.88
N THR B 434 -7.87 12.08 -20.93
CA THR B 434 -8.86 11.54 -21.84
C THR B 434 -8.96 10.02 -21.67
N ARG B 435 -8.80 9.54 -20.43
CA ARG B 435 -8.76 8.11 -20.17
C ARG B 435 -9.20 7.89 -18.73
N MET B 436 -10.43 7.37 -18.57
CA MET B 436 -10.99 7.11 -17.26
C MET B 436 -11.66 5.74 -17.24
N ARG B 437 -11.27 4.86 -18.18
CA ARG B 437 -11.95 3.58 -18.39
C ARG B 437 -10.96 2.54 -18.88
N PRO B 438 -11.20 1.23 -18.61
CA PRO B 438 -12.32 0.77 -17.81
C PRO B 438 -12.16 1.04 -16.32
MG MG C . -21.40 -0.44 4.88
MG MG D . -20.18 -7.40 3.63
MG MG E . -22.68 -5.53 6.97
PG ATP F . -20.76 -2.56 7.38
O1G ATP F . -20.55 -1.11 7.02
O2G ATP F . -20.22 -2.91 8.74
O3G ATP F . -22.18 -3.02 7.17
PB ATP F . -19.97 -3.50 4.77
O1B ATP F . -21.06 -4.47 4.44
O2B ATP F . -20.02 -2.10 4.25
O3B ATP F . -19.84 -3.40 6.36
PA ATP F . -17.98 -4.63 2.95
O1A ATP F . -18.59 -3.77 1.88
O2A ATP F . -18.12 -6.11 2.84
O3A ATP F . -18.57 -4.16 4.36
O5' ATP F . -16.43 -4.23 3.12
C5' ATP F . -15.38 -5.21 3.37
C4' ATP F . -14.75 -4.94 4.71
O4' ATP F . -14.28 -3.57 4.75
C3' ATP F . -15.66 -5.06 5.93
O3' ATP F . -15.72 -6.42 6.35
C2' ATP F . -14.98 -4.14 6.94
O2' ATP F . -13.97 -4.80 7.69
C1' ATP F . -14.37 -3.05 6.07
N9 ATP F . -15.13 -1.80 6.00
C8 ATP F . -16.31 -1.57 5.35
N7 ATP F . -16.73 -0.33 5.46
C5 ATP F . -15.77 0.30 6.25
C6 ATP F . -15.63 1.61 6.71
N6 ATP F . -16.50 2.59 6.47
N1 ATP F . -14.53 1.89 7.46
C2 ATP F . -13.64 0.91 7.71
N3 ATP F . -13.67 -0.36 7.30
C4 ATP F . -14.77 -0.60 6.57
MG MG G . 4.24 18.09 -11.45
MG MG H . 10.27 17.56 -7.74
MG MG I . 10.28 18.42 -12.96
PG ATP J . 7.00 16.59 -12.56
O1G ATP J . 5.52 16.71 -12.87
O2G ATP J . 7.70 15.57 -13.40
O3G ATP J . 7.70 17.94 -12.57
PB ATP J . 7.09 16.95 -9.71
O1B ATP J . 8.39 17.70 -9.64
O2B ATP J . 5.79 17.68 -9.68
O3B ATP J . 7.11 16.07 -11.05
PA ATP J . 7.17 15.73 -7.02
O1A ATP J . 6.17 16.69 -6.46
O2A ATP J . 8.60 15.86 -6.59
O3A ATP J . 7.10 15.79 -8.61
O5' ATP J . 6.65 14.22 -6.77
C5' ATP J . 7.59 13.17 -6.40
C4' ATP J . 7.67 12.15 -7.51
O4' ATP J . 6.33 11.74 -7.88
C3' ATP J . 8.28 12.62 -8.83
O3' ATP J . 9.71 12.55 -8.76
C2' ATP J . 7.69 11.63 -9.83
O2' ATP J . 8.47 10.46 -9.95
C1' ATP J . 6.32 11.31 -9.23
N9 ATP J . 5.19 11.99 -9.89
C8 ATP J . 4.80 13.30 -9.73
N7 ATP J . 3.75 13.60 -10.45
C5 ATP J . 3.42 12.42 -11.11
C6 ATP J . 2.39 12.09 -12.01
N6 ATP J . 1.48 12.96 -12.42
N1 ATP J . 2.36 10.81 -12.47
C2 ATP J . 3.29 9.96 -12.05
N3 ATP J . 4.30 10.15 -11.19
C4 ATP J . 4.30 11.42 -10.76
#